data_3G5I
#
_entry.id   3G5I
#
_cell.length_a   84.350
_cell.length_b   82.910
_cell.length_c   93.870
_cell.angle_alpha   90.00
_cell.angle_beta   112.15
_cell.angle_gamma   90.00
#
_symmetry.space_group_name_H-M   'P 1 21 1'
#
loop_
_entity.id
_entity.type
_entity.pdbx_description
1 polymer 'Pyrimidine-specific ribonucleoside hydrolase rihA'
2 non-polymer BETA-MERCAPTOETHANOL
3 non-polymer 'CALCIUM ION'
4 non-polymer (2S,3S,4R,5R)-2-(3,4-diaminophenyl)-5-(hydroxymethyl)pyrrolidine-3,4-diol
5 water water
#
_entity_poly.entity_id   1
_entity_poly.type   'polypeptide(L)'
_entity_poly.pdbx_seq_one_letter_code
;GSALPILLDCDPGHDDAIAIVLALASPELDVKAITSSAGNQTPEKTLRNVLRMLTLLNRTDIPVAGGAVKPLMRELIIAD
NVHGESGLDGPALPEPTFAPQNCTAVELMAKTLRESAEPVTIVSTGPQTNVALLLNSHPELHSKIARIVIMGGAMGLGNW
TPAAEFNIYVDPEAAEIVFQSGIPVVMAGLDVTHKAQIHVEDTERFRAIGNPVSTIVAELLDFFLEYHKDEKWGFVGAPL
HDPCTIAWLLKPELFTSVERWVGVETQGKYTQGMTVVDYYYLTGNKPNATVMVDVDRQGFVDLLADRLKFYA
;
_entity_poly.pdbx_strand_id   A,B,C,D
#
loop_
_chem_comp.id
_chem_comp.type
_chem_comp.name
_chem_comp.formula
BME non-polymer BETA-MERCAPTOETHANOL 'C2 H6 O S'
CA non-polymer 'CALCIUM ION' 'Ca 2'
DNB non-polymer (2S,3S,4R,5R)-2-(3,4-diaminophenyl)-5-(hydroxymethyl)pyrrolidine-3,4-diol 'C11 H17 N3 O3'
#
# COMPACT_ATOMS: atom_id res chain seq x y z
N ALA A 3 15.21 36.80 -23.36
CA ALA A 3 15.80 35.62 -22.67
C ALA A 3 14.74 34.89 -21.85
N LEU A 4 14.85 33.57 -21.80
CA LEU A 4 13.84 32.74 -21.11
C LEU A 4 14.12 32.81 -19.61
N PRO A 5 13.14 33.35 -18.85
CA PRO A 5 13.31 33.43 -17.41
C PRO A 5 13.21 32.01 -16.79
N ILE A 6 14.21 31.63 -16.01
CA ILE A 6 14.13 30.35 -15.36
C ILE A 6 14.39 30.41 -13.87
N LEU A 7 13.76 29.48 -13.18
CA LEU A 7 14.06 29.25 -11.77
C LEU A 7 14.84 27.93 -11.67
N LEU A 8 16.00 27.93 -11.05
CA LEU A 8 16.73 26.69 -10.92
C LEU A 8 16.70 26.17 -9.50
N ASP A 9 16.26 24.92 -9.34
CA ASP A 9 16.16 24.30 -8.02
C ASP A 9 16.97 23.03 -8.10
N CYS A 10 17.93 22.86 -7.19
CA CYS A 10 18.98 21.85 -7.41
C CYS A 10 19.72 21.47 -6.12
N ASP A 11 20.46 20.38 -6.16
CA ASP A 11 21.09 19.89 -4.99
C ASP A 11 22.56 19.53 -5.21
N PRO A 12 23.42 20.53 -5.54
CA PRO A 12 24.77 20.26 -5.98
C PRO A 12 25.63 19.58 -4.93
N GLY A 13 26.34 18.49 -5.28
CA GLY A 13 26.18 17.70 -6.52
C GLY A 13 26.88 18.15 -7.82
N HIS A 14 27.78 17.32 -8.33
CA HIS A 14 28.65 17.68 -9.47
C HIS A 14 27.88 18.04 -10.69
N ASP A 15 26.87 17.23 -11.01
CA ASP A 15 26.16 17.49 -12.23
C ASP A 15 25.22 18.71 -12.18
N ASP A 16 24.57 18.94 -11.05
CA ASP A 16 23.87 20.19 -10.81
C ASP A 16 24.79 21.37 -11.04
N ALA A 17 25.99 21.30 -10.47
CA ALA A 17 27.00 22.34 -10.58
C ALA A 17 27.33 22.62 -12.04
N ILE A 18 27.51 21.55 -12.84
CA ILE A 18 27.88 21.69 -14.26
C ILE A 18 26.66 22.26 -15.01
N ALA A 19 25.46 21.91 -14.55
CA ALA A 19 24.23 22.48 -15.10
C ALA A 19 24.14 24.00 -14.84
N ILE A 20 24.57 24.42 -13.65
CA ILE A 20 24.63 25.84 -13.33
C ILE A 20 25.57 26.55 -14.28
N VAL A 21 26.81 26.04 -14.38
CA VAL A 21 27.79 26.53 -15.36
C VAL A 21 27.22 26.68 -16.78
N LEU A 22 26.57 25.64 -17.27
CA LEU A 22 26.00 25.69 -18.59
C LEU A 22 24.94 26.78 -18.68
N ALA A 23 24.06 26.88 -17.69
CA ALA A 23 22.97 27.88 -17.74
C ALA A 23 23.47 29.31 -17.74
N LEU A 24 24.47 29.59 -16.92
CA LEU A 24 25.07 30.93 -16.85
C LEU A 24 25.95 31.33 -18.05
N ALA A 25 26.37 30.35 -18.87
CA ALA A 25 27.09 30.61 -20.10
C ALA A 25 26.11 30.78 -21.30
N SER A 26 24.80 30.78 -21.05
CA SER A 26 23.80 30.81 -22.13
C SER A 26 22.97 32.05 -21.99
N PRO A 27 23.20 33.06 -22.88
CA PRO A 27 22.41 34.30 -22.74
C PRO A 27 20.96 34.19 -23.22
N GLU A 28 20.64 33.11 -23.93
CA GLU A 28 19.25 32.66 -24.15
C GLU A 28 18.46 32.47 -22.85
N LEU A 29 19.17 32.24 -21.75
CA LEU A 29 18.52 31.96 -20.44
C LEU A 29 18.79 33.09 -19.43
N ASP A 30 17.75 33.51 -18.75
CA ASP A 30 17.84 34.47 -17.67
C ASP A 30 17.55 33.68 -16.36
N VAL A 31 18.61 33.36 -15.61
CA VAL A 31 18.43 32.61 -14.37
C VAL A 31 17.97 33.60 -13.31
N LYS A 32 16.73 33.45 -12.85
CA LYS A 32 16.09 34.45 -11.97
C LYS A 32 16.48 34.21 -10.52
N ALA A 33 16.66 32.95 -10.15
CA ALA A 33 17.12 32.55 -8.82
C ALA A 33 17.61 31.11 -8.88
N ILE A 34 18.43 30.74 -7.89
CA ILE A 34 18.80 29.32 -7.70
C ILE A 34 18.46 28.95 -6.25
N THR A 35 17.71 27.88 -6.04
CA THR A 35 17.32 27.47 -4.67
C THR A 35 17.82 26.04 -4.48
N SER A 36 17.93 25.62 -3.24
CA SER A 36 18.58 24.37 -3.02
C SER A 36 17.60 23.42 -2.42
N SER A 37 17.61 22.21 -2.97
CA SER A 37 16.96 21.05 -2.38
C SER A 37 17.99 20.16 -1.64
N ALA A 38 17.49 19.22 -0.86
CA ALA A 38 18.36 18.30 -0.15
C ALA A 38 18.05 16.94 -0.75
N GLY A 39 19.10 16.14 -0.91
CA GLY A 39 19.06 14.88 -1.64
C GLY A 39 20.48 14.42 -1.75
N ASN A 40 21.20 14.92 -2.79
CA ASN A 40 22.65 14.62 -2.96
C ASN A 40 23.42 14.83 -1.64
N GLN A 41 23.07 15.89 -0.91
CA GLN A 41 23.64 16.18 0.43
C GLN A 41 22.62 16.77 1.40
N THR A 42 23.07 17.06 2.63
CA THR A 42 22.25 17.80 3.62
C THR A 42 21.91 19.18 3.07
N PRO A 43 20.80 19.81 3.57
CA PRO A 43 20.44 21.13 3.00
C PRO A 43 21.48 22.21 3.30
N GLU A 44 22.21 22.09 4.40
CA GLU A 44 23.30 23.01 4.63
C GLU A 44 24.34 22.96 3.51
N LYS A 45 24.60 21.76 3.00
CA LYS A 45 25.66 21.61 2.05
C LYS A 45 25.24 21.96 0.67
N THR A 46 23.99 21.61 0.30
CA THR A 46 23.54 21.94 -1.03
C THR A 46 23.52 23.45 -1.16
N LEU A 47 22.98 24.15 -0.17
CA LEU A 47 22.93 25.63 -0.18
C LEU A 47 24.31 26.24 -0.36
N ARG A 48 25.26 25.79 0.45
CA ARG A 48 26.65 26.22 0.40
C ARG A 48 27.25 26.03 -1.01
N ASN A 49 27.01 24.87 -1.61
CA ASN A 49 27.55 24.59 -2.93
C ASN A 49 26.90 25.43 -4.06
N VAL A 50 25.65 25.83 -3.92
CA VAL A 50 25.06 26.85 -4.85
C VAL A 50 25.80 28.18 -4.68
N LEU A 51 26.07 28.57 -3.44
CA LEU A 51 26.78 29.80 -3.19
C LEU A 51 28.20 29.73 -3.73
N ARG A 52 28.87 28.58 -3.58
CA ARG A 52 30.23 28.46 -4.05
C ARG A 52 30.30 28.56 -5.55
N MET A 53 29.38 27.90 -6.23
CA MET A 53 29.36 27.93 -7.70
C MET A 53 29.10 29.35 -8.23
N LEU A 54 28.11 30.04 -7.65
CA LEU A 54 27.83 31.46 -8.05
C LEU A 54 28.99 32.42 -7.75
N THR A 55 29.68 32.19 -6.63
CA THR A 55 30.95 32.87 -6.34
C THR A 55 31.97 32.59 -7.43
N LEU A 56 32.13 31.32 -7.78
CA LEU A 56 33.12 30.95 -8.78
C LEU A 56 32.82 31.68 -10.08
N LEU A 57 31.57 31.67 -10.50
CA LEU A 57 31.17 32.12 -11.82
C LEU A 57 30.86 33.60 -11.83
N ASN A 58 31.14 34.26 -10.70
CA ASN A 58 30.98 35.70 -10.56
C ASN A 58 29.55 36.12 -10.94
N ARG A 59 28.56 35.37 -10.45
CA ARG A 59 27.17 35.78 -10.55
C ARG A 59 26.54 35.85 -9.16
N THR A 60 27.17 36.60 -8.26
CA THR A 60 26.59 36.83 -6.95
C THR A 60 25.30 37.69 -6.95
N ASP A 61 24.96 38.30 -8.08
CA ASP A 61 23.73 39.05 -8.29
C ASP A 61 22.47 38.15 -8.38
N ILE A 62 22.65 36.85 -8.64
CA ILE A 62 21.49 35.93 -8.72
C ILE A 62 21.07 35.59 -7.28
N PRO A 63 19.79 35.83 -6.95
CA PRO A 63 19.30 35.48 -5.60
C PRO A 63 19.28 33.98 -5.32
N VAL A 64 19.74 33.61 -4.13
CA VAL A 64 19.81 32.21 -3.70
C VAL A 64 19.06 32.03 -2.39
N ALA A 65 18.32 30.94 -2.25
CA ALA A 65 17.67 30.66 -0.99
C ALA A 65 17.71 29.17 -0.74
N GLY A 66 17.84 28.78 0.54
CA GLY A 66 17.76 27.36 0.92
C GLY A 66 16.32 26.88 1.04
N GLY A 67 16.07 25.65 0.59
CA GLY A 67 14.72 25.11 0.73
C GLY A 67 14.50 24.09 1.82
N ALA A 68 13.48 23.28 1.60
CA ALA A 68 13.00 22.29 2.54
C ALA A 68 14.15 21.45 3.06
N VAL A 69 14.15 21.18 4.38
CA VAL A 69 15.22 20.39 5.00
C VAL A 69 15.05 18.86 4.90
N LYS A 70 13.90 18.40 4.45
CA LYS A 70 13.67 16.95 4.32
C LYS A 70 12.50 16.71 3.37
N PRO A 71 12.38 15.46 2.84
CA PRO A 71 11.23 15.19 1.95
C PRO A 71 9.93 15.46 2.68
N LEU A 72 8.86 15.71 1.94
CA LEU A 72 7.51 15.92 2.47
C LEU A 72 7.06 15.00 3.62
N MET A 73 7.19 13.71 3.39
CA MET A 73 6.70 12.68 4.30
C MET A 73 7.65 11.59 4.61
N ARG A 74 8.94 11.82 4.37
CA ARG A 74 9.93 10.79 4.57
C ARG A 74 11.12 11.45 5.16
N GLU A 75 12.03 10.61 5.68
CA GLU A 75 13.33 11.06 6.15
C GLU A 75 14.24 11.29 4.97
N LEU A 76 15.15 12.24 5.12
CA LEU A 76 16.20 12.46 4.16
C LEU A 76 17.11 11.22 4.06
N ILE A 77 17.37 10.80 2.82
CA ILE A 77 18.55 9.99 2.57
C ILE A 77 19.37 10.77 1.54
N ILE A 78 20.69 10.68 1.64
CA ILE A 78 21.54 11.47 0.75
C ILE A 78 22.38 10.59 -0.20
N ALA A 79 22.70 11.11 -1.40
CA ALA A 79 23.65 10.42 -2.29
C ALA A 79 25.09 10.72 -1.81
N ASP A 80 25.41 10.06 -0.69
CA ASP A 80 26.56 10.36 0.18
C ASP A 80 27.93 10.22 -0.53
N ASN A 81 28.40 8.97 -0.63
CA ASN A 81 29.76 8.64 -1.12
C ASN A 81 29.92 8.65 -2.65
N VAL A 82 28.79 8.63 -3.37
CA VAL A 82 28.74 8.87 -4.83
C VAL A 82 29.32 10.27 -5.18
N HIS A 83 28.84 11.29 -4.47
CA HIS A 83 29.20 12.71 -4.65
C HIS A 83 30.28 13.20 -3.65
N GLY A 84 30.74 12.28 -2.81
CA GLY A 84 31.70 12.55 -1.76
C GLY A 84 31.25 13.49 -0.65
N GLU A 85 32.23 13.90 0.14
CA GLU A 85 32.10 14.72 1.36
C GLU A 85 31.26 16.03 1.30
N SER A 86 31.75 17.01 0.53
CA SER A 86 31.19 18.37 0.54
C SER A 86 30.00 18.46 -0.43
N GLY A 87 29.92 17.50 -1.33
CA GLY A 87 28.92 17.39 -2.38
C GLY A 87 29.46 17.77 -3.75
N LEU A 88 30.64 18.42 -3.79
CA LEU A 88 31.34 18.86 -5.01
C LEU A 88 32.84 18.62 -4.88
N ASP A 89 33.20 17.42 -4.44
CA ASP A 89 34.59 17.07 -4.18
C ASP A 89 35.42 17.03 -5.46
N GLY A 90 36.74 17.20 -5.34
CA GLY A 90 37.64 17.20 -6.47
C GLY A 90 38.42 18.51 -6.61
N PRO A 91 37.84 19.49 -7.36
CA PRO A 91 38.52 20.76 -7.60
C PRO A 91 38.48 21.66 -6.39
N ALA A 92 39.42 22.58 -6.31
CA ALA A 92 39.34 23.66 -5.33
C ALA A 92 38.23 24.60 -5.80
N LEU A 93 37.29 24.91 -4.92
CA LEU A 93 36.28 25.91 -5.18
C LEU A 93 36.46 27.11 -4.20
N PRO A 94 35.98 28.31 -4.62
CA PRO A 94 36.03 29.47 -3.72
C PRO A 94 35.02 29.34 -2.58
N GLU A 95 35.36 29.93 -1.45
CA GLU A 95 34.41 30.12 -0.37
C GLU A 95 33.33 31.12 -0.84
N PRO A 96 32.08 30.97 -0.36
CA PRO A 96 31.05 31.99 -0.71
C PRO A 96 31.45 33.42 -0.28
N THR A 97 31.26 34.38 -1.19
CA THR A 97 31.55 35.78 -0.89
C THR A 97 30.27 36.58 -0.67
N PHE A 98 29.12 35.90 -0.75
CA PHE A 98 27.80 36.53 -0.56
C PHE A 98 26.87 35.59 0.18
N ALA A 99 25.73 36.14 0.62
CA ALA A 99 24.76 35.46 1.50
C ALA A 99 23.49 35.10 0.75
N PRO A 100 22.87 33.96 1.13
CA PRO A 100 21.56 33.65 0.55
C PRO A 100 20.53 34.70 1.04
N GLN A 101 19.42 34.81 0.30
CA GLN A 101 18.37 35.77 0.67
C GLN A 101 17.80 35.32 2.00
N ASN A 102 17.24 36.26 2.75
CA ASN A 102 16.63 35.94 4.02
C ASN A 102 15.18 35.38 3.87
N CYS A 103 15.07 34.18 3.31
CA CYS A 103 13.79 33.52 3.12
C CYS A 103 13.99 32.12 2.60
N THR A 104 12.91 31.40 2.43
CA THR A 104 13.00 29.99 2.00
C THR A 104 12.94 29.88 0.46
N ALA A 105 13.23 28.70 -0.07
CA ALA A 105 13.21 28.47 -1.51
C ALA A 105 11.81 28.76 -2.08
N VAL A 106 10.78 28.22 -1.42
CA VAL A 106 9.39 28.45 -1.91
C VAL A 106 9.06 29.94 -1.94
N GLU A 107 9.49 30.68 -0.91
CA GLU A 107 9.29 32.13 -0.88
C GLU A 107 9.96 32.85 -2.04
N LEU A 108 11.22 32.51 -2.32
CA LEU A 108 11.91 33.14 -3.44
C LEU A 108 11.30 32.79 -4.80
N MET A 109 10.90 31.53 -4.93
CA MET A 109 10.19 31.07 -6.11
C MET A 109 8.91 31.85 -6.31
N ALA A 110 8.05 31.88 -5.31
CA ALA A 110 6.78 32.63 -5.34
C ALA A 110 6.99 34.07 -5.69
N LYS A 111 7.92 34.72 -4.98
CA LYS A 111 8.29 36.11 -5.23
C LYS A 111 8.67 36.32 -6.70
N THR A 112 9.52 35.46 -7.23
CA THR A 112 9.94 35.50 -8.64
C THR A 112 8.74 35.41 -9.60
N LEU A 113 7.85 34.46 -9.37
CA LEU A 113 6.62 34.27 -10.18
C LEU A 113 5.70 35.48 -10.15
N ARG A 114 5.38 35.92 -8.94
CA ARG A 114 4.55 37.12 -8.71
C ARG A 114 5.02 38.30 -9.53
N GLU A 115 6.33 38.57 -9.46
CA GLU A 115 6.85 39.77 -10.08
C GLU A 115 7.30 39.60 -11.53
N SER A 116 7.26 38.38 -12.04
CA SER A 116 7.56 38.17 -13.47
C SER A 116 6.40 38.65 -14.34
N ALA A 117 6.74 39.19 -15.52
CA ALA A 117 5.71 39.68 -16.45
C ALA A 117 5.31 38.59 -17.41
N GLU A 118 6.13 37.54 -17.52
CA GLU A 118 5.76 36.40 -18.34
C GLU A 118 6.06 35.05 -17.65
N PRO A 119 5.44 33.95 -18.12
CA PRO A 119 5.66 32.69 -17.40
C PRO A 119 7.13 32.28 -17.29
N VAL A 120 7.46 31.67 -16.16
CA VAL A 120 8.81 31.31 -15.79
C VAL A 120 8.95 29.81 -15.91
N THR A 121 10.09 29.36 -16.43
CA THR A 121 10.38 27.93 -16.52
C THR A 121 11.10 27.40 -15.24
N ILE A 122 10.51 26.40 -14.58
CA ILE A 122 11.23 25.80 -13.43
C ILE A 122 12.07 24.63 -13.89
N VAL A 123 13.34 24.62 -13.48
CA VAL A 123 14.20 23.48 -13.75
C VAL A 123 14.57 22.88 -12.41
N SER A 124 14.17 21.62 -12.16
CA SER A 124 14.46 21.05 -10.84
C SER A 124 15.22 19.76 -10.97
N THR A 125 16.43 19.79 -10.42
CA THR A 125 17.39 18.73 -10.68
C THR A 125 17.80 17.96 -9.43
N GLY A 126 17.10 18.24 -8.33
CA GLY A 126 17.14 17.37 -7.20
C GLY A 126 15.77 16.77 -6.95
N PRO A 127 15.56 16.24 -5.75
CA PRO A 127 14.19 15.83 -5.38
C PRO A 127 13.19 16.99 -5.58
N GLN A 128 11.91 16.64 -5.82
CA GLN A 128 10.94 17.65 -6.17
C GLN A 128 10.31 18.40 -4.99
N THR A 129 10.81 18.18 -3.77
CA THR A 129 10.27 18.74 -2.52
C THR A 129 9.87 20.25 -2.55
N ASN A 130 10.77 21.15 -2.95
CA ASN A 130 10.48 22.61 -2.98
C ASN A 130 9.41 22.92 -4.05
N VAL A 131 9.51 22.24 -5.18
CA VAL A 131 8.61 22.50 -6.29
C VAL A 131 7.17 22.09 -5.93
N ALA A 132 7.04 20.89 -5.33
CA ALA A 132 5.74 20.44 -4.85
C ALA A 132 5.15 21.41 -3.78
N LEU A 133 5.99 21.93 -2.88
CA LEU A 133 5.52 22.90 -1.86
C LEU A 133 4.98 24.21 -2.52
N LEU A 134 5.68 24.68 -3.54
CA LEU A 134 5.31 25.88 -4.27
C LEU A 134 3.97 25.61 -4.96
N LEU A 135 3.84 24.48 -5.63
CA LEU A 135 2.61 24.17 -6.34
C LEU A 135 1.39 24.10 -5.44
N ASN A 136 1.54 23.40 -4.30
CA ASN A 136 0.37 23.19 -3.41
C ASN A 136 0.10 24.49 -2.65
N SER A 137 1.14 25.25 -2.31
CA SER A 137 0.85 26.42 -1.48
CA SER A 137 0.97 26.46 -1.47
C SER A 137 0.58 27.70 -2.30
N HIS A 138 0.87 27.69 -3.60
CA HIS A 138 0.58 28.84 -4.45
C HIS A 138 -0.21 28.45 -5.73
N PRO A 139 -1.42 27.90 -5.58
CA PRO A 139 -2.19 27.60 -6.76
C PRO A 139 -2.50 28.85 -7.64
N GLU A 140 -2.38 30.05 -7.09
CA GLU A 140 -2.75 31.27 -7.83
C GLU A 140 -1.57 31.66 -8.72
N LEU A 141 -0.44 30.97 -8.57
CA LEU A 141 0.75 31.25 -9.41
C LEU A 141 1.03 30.14 -10.42
N HIS A 142 0.16 29.16 -10.54
CA HIS A 142 0.40 28.12 -11.53
C HIS A 142 0.46 28.74 -12.92
N SER A 143 -0.32 29.79 -13.15
CA SER A 143 -0.41 30.41 -14.48
C SER A 143 0.87 31.13 -14.89
N LYS A 144 1.75 31.37 -13.93
CA LYS A 144 3.04 32.03 -14.16
C LYS A 144 4.17 30.98 -14.33
N ILE A 145 3.81 29.71 -14.37
CA ILE A 145 4.76 28.61 -14.60
C ILE A 145 4.51 28.06 -16.00
N ALA A 146 5.43 28.32 -16.93
CA ALA A 146 5.36 27.79 -18.29
C ALA A 146 5.48 26.25 -18.33
N ARG A 147 6.41 25.67 -17.58
CA ARG A 147 6.63 24.24 -17.53
C ARG A 147 7.66 23.97 -16.45
N ILE A 148 7.77 22.71 -16.06
CA ILE A 148 8.77 22.26 -15.07
C ILE A 148 9.64 21.20 -15.73
N VAL A 149 10.95 21.48 -15.79
CA VAL A 149 11.89 20.56 -16.44
C VAL A 149 12.65 19.84 -15.34
N ILE A 150 12.50 18.52 -15.26
CA ILE A 150 13.17 17.80 -14.13
C ILE A 150 14.31 16.91 -14.64
N MET A 151 15.26 16.67 -13.78
CA MET A 151 16.09 15.49 -13.92
C MET A 151 15.57 14.52 -12.85
N GLY A 152 15.08 13.38 -13.30
CA GLY A 152 14.67 12.34 -12.38
C GLY A 152 13.89 11.23 -13.08
N GLY A 153 13.84 10.06 -12.43
CA GLY A 153 12.98 8.98 -12.93
C GLY A 153 13.64 8.09 -13.94
N ALA A 154 12.96 7.02 -14.35
CA ALA A 154 13.52 6.14 -15.35
C ALA A 154 12.37 5.34 -15.88
N MET A 155 12.25 5.26 -17.19
CA MET A 155 11.21 4.40 -17.76
C MET A 155 11.66 2.93 -17.59
N GLY A 156 12.96 2.68 -17.66
CA GLY A 156 13.46 1.33 -17.42
C GLY A 156 14.02 1.29 -16.02
N LEU A 157 15.14 0.57 -15.83
CA LEU A 157 15.65 0.21 -14.52
C LEU A 157 16.16 1.39 -13.74
N GLY A 158 15.98 1.40 -12.42
CA GLY A 158 16.35 2.59 -11.64
C GLY A 158 17.80 2.48 -11.22
N ASN A 159 18.37 3.56 -10.68
CA ASN A 159 19.75 3.54 -10.22
C ASN A 159 19.86 3.54 -8.71
N TRP A 160 18.74 3.60 -8.00
CA TRP A 160 18.80 3.64 -6.55
C TRP A 160 18.24 2.36 -5.88
N THR A 161 17.00 2.02 -6.26
CA THR A 161 16.38 0.71 -6.07
C THR A 161 16.12 0.07 -7.48
N PRO A 162 15.83 -1.25 -7.55
CA PRO A 162 15.53 -1.83 -8.86
C PRO A 162 14.62 -1.00 -9.79
N ALA A 163 13.66 -0.32 -9.21
CA ALA A 163 12.58 0.31 -9.96
C ALA A 163 12.66 1.83 -9.90
N ALA A 164 13.50 2.36 -9.04
CA ALA A 164 13.47 3.80 -8.86
C ALA A 164 14.77 4.53 -9.00
N GLU A 165 14.68 5.72 -9.58
CA GLU A 165 15.81 6.62 -9.69
C GLU A 165 15.88 7.46 -8.42
N PHE A 166 17.07 7.89 -8.02
CA PHE A 166 17.30 8.54 -6.73
C PHE A 166 16.44 9.76 -6.39
N ASN A 167 16.46 10.77 -7.25
CA ASN A 167 15.71 12.02 -7.02
C ASN A 167 14.27 11.76 -6.74
N ILE A 168 13.70 10.84 -7.51
CA ILE A 168 12.28 10.51 -7.32
C ILE A 168 12.11 9.70 -6.05
N TYR A 169 13.02 8.74 -5.80
CA TYR A 169 12.89 7.91 -4.64
C TYR A 169 12.94 8.71 -3.29
N VAL A 170 13.77 9.76 -3.25
CA VAL A 170 14.00 10.57 -2.05
C VAL A 170 12.65 11.23 -1.62
N ASP A 171 11.81 11.58 -2.60
CA ASP A 171 10.56 12.23 -2.31
C ASP A 171 9.56 11.92 -3.39
N PRO A 172 8.96 10.72 -3.34
CA PRO A 172 8.01 10.25 -4.35
C PRO A 172 6.77 11.15 -4.33
N GLU A 173 6.35 11.55 -3.12
CA GLU A 173 5.11 12.29 -2.97
C GLU A 173 5.28 13.65 -3.65
N ALA A 174 6.41 14.31 -3.39
CA ALA A 174 6.72 15.55 -4.17
C ALA A 174 6.68 15.38 -5.68
N ALA A 175 7.32 14.31 -6.19
CA ALA A 175 7.32 14.09 -7.63
C ALA A 175 5.90 13.84 -8.15
N GLU A 176 5.12 12.99 -7.48
CA GLU A 176 3.74 12.76 -7.90
C GLU A 176 2.92 14.09 -7.88
N ILE A 177 3.18 14.93 -6.87
CA ILE A 177 2.50 16.21 -6.88
C ILE A 177 2.85 17.03 -8.14
N VAL A 178 4.14 17.06 -8.49
CA VAL A 178 4.54 17.75 -9.71
C VAL A 178 3.85 17.19 -10.94
N PHE A 179 3.89 15.88 -11.11
CA PHE A 179 3.33 15.24 -12.33
C PHE A 179 1.82 15.33 -12.39
N GLN A 180 1.15 15.40 -11.24
CA GLN A 180 -0.32 15.50 -11.27
C GLN A 180 -0.82 16.94 -11.34
N SER A 181 0.09 17.91 -11.42
CA SER A 181 -0.24 19.29 -11.09
C SER A 181 -1.03 20.01 -12.17
N GLY A 182 -0.99 19.49 -13.41
CA GLY A 182 -1.58 20.19 -14.58
C GLY A 182 -0.62 21.11 -15.34
N ILE A 183 0.55 21.34 -14.77
CA ILE A 183 1.59 22.13 -15.42
C ILE A 183 2.45 21.18 -16.26
N PRO A 184 2.74 21.57 -17.52
CA PRO A 184 3.52 20.68 -18.39
C PRO A 184 4.85 20.28 -17.75
N VAL A 185 5.14 18.99 -17.76
CA VAL A 185 6.39 18.47 -17.20
C VAL A 185 7.27 17.93 -18.35
N VAL A 186 8.55 18.26 -18.25
CA VAL A 186 9.53 17.69 -19.12
C VAL A 186 10.49 16.86 -18.28
N MET A 187 10.75 15.61 -18.68
CA MET A 187 11.46 14.70 -17.79
C MET A 187 12.72 14.21 -18.45
N ALA A 188 13.86 14.52 -17.85
CA ALA A 188 15.09 13.92 -18.24
C ALA A 188 15.37 12.78 -17.24
N GLY A 189 14.99 11.55 -17.60
CA GLY A 189 15.19 10.41 -16.75
C GLY A 189 16.42 9.66 -17.20
N LEU A 190 16.67 8.52 -16.56
CA LEU A 190 17.87 7.72 -16.83
C LEU A 190 17.88 7.21 -18.29
N ASP A 191 16.72 7.08 -18.88
CA ASP A 191 16.64 6.69 -20.29
C ASP A 191 17.50 7.57 -21.18
N VAL A 192 17.45 8.88 -20.97
CA VAL A 192 18.30 9.76 -21.76
C VAL A 192 19.65 10.00 -21.05
N THR A 193 19.63 10.21 -19.75
CA THR A 193 20.89 10.69 -19.08
C THR A 193 21.98 9.61 -19.13
N HIS A 194 21.60 8.34 -19.06
CA HIS A 194 22.54 7.25 -19.31
C HIS A 194 23.13 7.19 -20.73
N LYS A 195 22.51 7.88 -21.70
CA LYS A 195 23.05 8.03 -23.03
C LYS A 195 23.95 9.27 -23.15
N ALA A 196 23.78 10.19 -22.23
CA ALA A 196 24.54 11.45 -22.25
C ALA A 196 25.86 11.29 -21.52
N GLN A 197 26.66 10.31 -21.95
CA GLN A 197 27.94 10.00 -21.32
C GLN A 197 29.07 10.89 -21.78
N ILE A 198 29.95 11.23 -20.85
CA ILE A 198 31.15 12.01 -21.11
C ILE A 198 32.27 10.99 -21.06
N HIS A 199 32.94 10.80 -22.20
CA HIS A 199 34.04 9.82 -22.33
C HIS A 199 35.29 10.53 -21.86
N VAL A 200 36.35 9.78 -21.59
CA VAL A 200 37.64 10.36 -21.11
C VAL A 200 38.16 11.41 -22.13
N GLU A 201 37.99 11.15 -23.43
CA GLU A 201 38.37 12.12 -24.47
C GLU A 201 37.58 13.43 -24.36
N ASP A 202 36.28 13.33 -24.09
CA ASP A 202 35.48 14.53 -23.88
C ASP A 202 35.95 15.36 -22.70
N THR A 203 36.33 14.71 -21.59
CA THR A 203 36.79 15.43 -20.38
C THR A 203 38.14 16.11 -20.67
N GLU A 204 38.93 15.47 -21.53
CA GLU A 204 40.20 16.04 -21.98
C GLU A 204 39.97 17.27 -22.87
N ARG A 205 38.92 17.21 -23.68
CA ARG A 205 38.51 18.35 -24.52
C ARG A 205 38.13 19.50 -23.61
N PHE A 206 37.28 19.25 -22.60
CA PHE A 206 36.85 20.34 -21.69
C PHE A 206 38.08 20.97 -21.00
N ARG A 207 38.98 20.13 -20.53
CA ARG A 207 40.20 20.58 -19.87
C ARG A 207 41.13 21.41 -20.80
N ALA A 208 41.14 21.07 -22.10
CA ALA A 208 41.93 21.82 -23.12
C ALA A 208 41.39 23.20 -23.47
N ILE A 209 40.18 23.53 -23.04
CA ILE A 209 39.57 24.83 -23.36
C ILE A 209 40.30 25.98 -22.65
N GLY A 210 40.93 25.68 -21.52
CA GLY A 210 41.90 26.59 -20.92
C GLY A 210 41.36 27.83 -20.23
N ASN A 211 40.29 27.69 -19.48
CA ASN A 211 39.92 28.74 -18.52
C ASN A 211 39.65 28.07 -17.20
N PRO A 212 39.59 28.86 -16.10
CA PRO A 212 39.40 28.30 -14.78
C PRO A 212 38.15 27.46 -14.64
N VAL A 213 37.09 27.86 -15.32
CA VAL A 213 35.83 27.19 -15.19
C VAL A 213 35.87 25.85 -15.92
N SER A 214 36.42 25.80 -17.14
CA SER A 214 36.44 24.51 -17.90
C SER A 214 37.39 23.57 -17.21
N THR A 215 38.38 24.13 -16.55
CA THR A 215 39.21 23.33 -15.68
C THR A 215 38.43 22.66 -14.56
N ILE A 216 37.61 23.45 -13.82
CA ILE A 216 36.79 22.96 -12.73
C ILE A 216 35.81 21.86 -13.24
N VAL A 217 35.11 22.16 -14.33
CA VAL A 217 34.18 21.18 -14.92
C VAL A 217 34.89 19.87 -15.24
N ALA A 218 36.11 19.93 -15.80
CA ALA A 218 36.89 18.71 -16.09
C ALA A 218 37.30 17.93 -14.83
N GLU A 219 37.78 18.65 -13.83
CA GLU A 219 38.15 18.06 -12.52
C GLU A 219 36.96 17.46 -11.74
N LEU A 220 35.78 18.05 -11.92
CA LEU A 220 34.49 17.50 -11.46
C LEU A 220 34.17 16.16 -12.11
N LEU A 221 34.34 16.11 -13.44
CA LEU A 221 34.09 14.86 -14.13
C LEU A 221 35.15 13.83 -13.75
N ASP A 222 36.37 14.29 -13.54
CA ASP A 222 37.49 13.42 -13.13
C ASP A 222 37.08 12.59 -11.92
N PHE A 223 36.52 13.28 -10.92
CA PHE A 223 36.02 12.68 -9.70
C PHE A 223 34.99 11.58 -9.97
N PHE A 224 33.92 11.89 -10.72
CA PHE A 224 32.95 10.88 -11.16
C PHE A 224 33.52 9.69 -11.90
N LEU A 225 34.84 9.51 -11.88
CA LEU A 225 35.50 8.28 -12.29
C LEU A 225 36.81 8.07 -11.49
N GLU A 231 30.80 -0.16 -12.51
CA GLU A 231 31.13 -0.92 -13.72
C GLU A 231 30.16 -2.08 -13.96
N LYS A 232 29.06 -2.12 -13.19
CA LYS A 232 27.97 -3.09 -13.46
C LYS A 232 27.05 -2.59 -14.58
N TRP A 233 26.87 -1.27 -14.61
CA TRP A 233 26.17 -0.63 -15.71
C TRP A 233 26.86 -0.73 -17.10
N GLY A 234 28.20 -0.90 -17.11
CA GLY A 234 28.94 -0.99 -18.36
C GLY A 234 28.89 0.26 -19.20
N PHE A 235 28.91 1.43 -18.55
CA PHE A 235 29.02 2.70 -19.26
C PHE A 235 30.43 2.82 -19.88
N VAL A 236 30.47 3.36 -21.09
CA VAL A 236 31.74 3.72 -21.73
C VAL A 236 32.44 4.92 -21.06
N GLY A 237 31.67 5.92 -20.60
CA GLY A 237 32.16 7.00 -19.75
C GLY A 237 31.02 7.41 -18.82
N ALA A 238 31.20 8.47 -18.05
CA ALA A 238 30.22 8.82 -17.04
C ALA A 238 28.98 9.61 -17.55
N PRO A 239 27.76 9.11 -17.27
CA PRO A 239 26.52 9.89 -17.57
C PRO A 239 26.52 11.23 -16.86
N LEU A 240 25.98 12.26 -17.52
CA LEU A 240 25.96 13.62 -17.01
C LEU A 240 24.51 13.97 -16.97
N HIS A 241 23.89 13.83 -15.82
CA HIS A 241 22.44 13.85 -15.71
C HIS A 241 21.84 15.26 -15.79
N ASP A 242 22.18 16.09 -14.81
CA ASP A 242 21.44 17.35 -14.65
C ASP A 242 21.54 18.35 -15.84
N PRO A 243 22.75 18.46 -16.45
CA PRO A 243 22.86 19.39 -17.63
C PRO A 243 21.97 19.03 -18.85
N CYS A 244 21.40 17.83 -18.89
CA CYS A 244 20.40 17.52 -19.97
C CYS A 244 19.10 18.38 -19.93
N THR A 245 18.70 18.81 -18.72
CA THR A 245 17.59 19.75 -18.53
C THR A 245 17.84 21.09 -19.23
N ILE A 246 19.00 21.67 -18.97
CA ILE A 246 19.38 22.92 -19.58
C ILE A 246 19.68 22.74 -21.06
N ALA A 247 20.36 21.65 -21.42
CA ALA A 247 20.64 21.36 -22.85
C ALA A 247 19.35 21.26 -23.67
N TRP A 248 18.31 20.69 -23.06
CA TRP A 248 17.01 20.49 -23.73
C TRP A 248 16.33 21.85 -23.99
N LEU A 249 16.51 22.80 -23.07
CA LEU A 249 15.99 24.14 -23.22
C LEU A 249 16.78 24.91 -24.29
N LEU A 250 18.09 24.67 -24.33
CA LEU A 250 18.98 25.34 -25.30
C LEU A 250 18.84 24.74 -26.71
N LYS A 251 18.91 23.41 -26.80
CA LYS A 251 18.87 22.74 -28.10
C LYS A 251 18.00 21.49 -28.11
N PRO A 252 16.66 21.68 -28.09
CA PRO A 252 15.77 20.54 -27.95
C PRO A 252 15.93 19.58 -29.10
N GLU A 253 16.50 20.07 -30.22
CA GLU A 253 16.72 19.22 -31.41
C GLU A 253 17.82 18.17 -31.22
N LEU A 254 18.62 18.33 -30.16
CA LEU A 254 19.55 17.26 -29.77
C LEU A 254 18.81 16.02 -29.26
N PHE A 255 17.57 16.20 -28.81
CA PHE A 255 16.88 15.15 -28.06
C PHE A 255 15.75 14.54 -28.84
N THR A 256 15.42 13.29 -28.51
CA THR A 256 14.18 12.67 -28.95
C THR A 256 13.29 12.54 -27.73
N SER A 257 12.01 12.89 -27.86
CA SER A 257 11.11 12.73 -26.73
C SER A 257 9.72 12.26 -27.14
N VAL A 258 9.02 11.68 -26.18
CA VAL A 258 7.64 11.25 -26.39
C VAL A 258 6.75 11.93 -25.34
N GLU A 259 5.51 12.24 -25.72
CA GLU A 259 4.54 12.76 -24.79
C GLU A 259 3.71 11.60 -24.29
N ARG A 260 3.84 11.32 -23.00
CA ARG A 260 3.14 10.16 -22.42
C ARG A 260 2.60 10.49 -21.03
N TRP A 261 1.73 9.64 -20.50
CA TRP A 261 1.32 9.74 -19.10
C TRP A 261 2.42 9.17 -18.24
N VAL A 262 2.70 9.86 -17.15
CA VAL A 262 3.68 9.39 -16.13
C VAL A 262 3.02 9.40 -14.74
N GLY A 263 3.10 8.30 -14.01
CA GLY A 263 2.64 8.26 -12.62
C GLY A 263 3.81 7.99 -11.68
N VAL A 264 3.80 8.54 -10.47
CA VAL A 264 4.87 8.17 -9.55
C VAL A 264 4.30 7.30 -8.44
N GLU A 265 4.95 6.14 -8.17
CA GLU A 265 4.48 5.15 -7.22
C GLU A 265 4.86 5.64 -5.81
N THR A 266 3.86 5.69 -4.95
CA THR A 266 4.13 6.20 -3.60
C THR A 266 3.84 5.13 -2.52
N GLN A 267 3.23 4.01 -2.92
CA GLN A 267 2.70 3.00 -1.99
C GLN A 267 3.30 1.61 -2.15
N GLY A 268 3.99 1.30 -3.24
CA GLY A 268 4.30 -0.11 -3.49
C GLY A 268 5.19 -0.73 -2.42
N LYS A 269 5.05 -2.01 -2.20
CA LYS A 269 6.06 -2.72 -1.45
C LYS A 269 7.48 -2.66 -2.05
N TYR A 270 7.62 -2.79 -3.37
CA TYR A 270 8.92 -2.95 -4.00
C TYR A 270 9.23 -1.78 -4.92
N THR A 271 8.29 -0.87 -5.10
CA THR A 271 8.36 0.05 -6.22
C THR A 271 8.19 1.54 -5.84
N GLN A 272 8.41 1.89 -4.58
CA GLN A 272 8.26 3.29 -4.18
C GLN A 272 9.27 4.14 -4.95
N GLY A 273 8.76 5.18 -5.60
CA GLY A 273 9.61 6.08 -6.36
C GLY A 273 9.77 5.75 -7.84
N MET A 274 9.14 4.66 -8.29
CA MET A 274 9.10 4.36 -9.69
C MET A 274 8.36 5.42 -10.39
N THR A 275 8.90 5.84 -11.54
CA THR A 275 8.12 6.58 -12.51
C THR A 275 7.55 5.61 -13.50
N VAL A 276 6.21 5.52 -13.53
CA VAL A 276 5.49 4.58 -14.34
C VAL A 276 5.09 5.39 -15.62
N VAL A 277 5.68 5.02 -16.76
CA VAL A 277 5.48 5.76 -17.97
C VAL A 277 4.67 4.90 -18.89
N ASP A 278 3.51 5.44 -19.34
CA ASP A 278 2.59 4.66 -20.14
C ASP A 278 3.00 4.78 -21.59
N TYR A 279 4.11 4.13 -21.89
CA TYR A 279 4.76 4.27 -23.19
C TYR A 279 3.96 3.71 -24.35
N TYR A 280 3.20 2.64 -24.09
CA TYR A 280 2.37 2.01 -25.13
C TYR A 280 0.90 2.30 -25.08
N TYR A 281 0.50 3.34 -24.33
CA TYR A 281 -0.90 3.77 -24.22
C TYR A 281 -1.85 2.68 -23.72
N LEU A 282 -1.55 2.11 -22.57
CA LEU A 282 -2.37 1.04 -22.07
C LEU A 282 -3.38 1.53 -21.06
N THR A 283 -3.13 2.72 -20.51
CA THR A 283 -4.01 3.28 -19.47
C THR A 283 -5.05 4.20 -20.12
N GLY A 284 -5.98 4.71 -19.33
CA GLY A 284 -6.88 5.75 -19.91
C GLY A 284 -6.23 7.12 -20.03
N ASN A 285 -5.07 7.25 -19.39
CA ASN A 285 -4.63 8.52 -18.82
C ASN A 285 -4.10 9.48 -19.85
N LYS A 286 -4.49 10.74 -19.66
CA LYS A 286 -4.08 11.83 -20.54
C LYS A 286 -2.58 12.05 -20.26
N PRO A 287 -1.75 12.10 -21.31
CA PRO A 287 -0.36 12.45 -21.16
C PRO A 287 -0.19 13.72 -20.30
N ASN A 288 0.78 13.68 -19.40
CA ASN A 288 1.12 14.83 -18.54
C ASN A 288 2.56 15.22 -18.62
N ALA A 289 3.31 14.59 -19.52
CA ALA A 289 4.77 14.80 -19.56
C ALA A 289 5.39 14.59 -20.94
N THR A 290 6.51 15.28 -21.14
CA THR A 290 7.37 15.06 -22.28
C THR A 290 8.55 14.29 -21.72
N VAL A 291 8.72 13.06 -22.20
CA VAL A 291 9.77 12.18 -21.69
C VAL A 291 10.89 12.06 -22.73
N MET A 292 12.09 12.45 -22.32
CA MET A 292 13.24 12.38 -23.18
C MET A 292 13.66 10.92 -23.23
N VAL A 293 13.97 10.42 -24.42
CA VAL A 293 14.30 8.99 -24.55
C VAL A 293 15.61 8.77 -25.32
N ASP A 294 16.10 9.81 -26.00
CA ASP A 294 17.39 9.73 -26.69
C ASP A 294 18.06 11.11 -26.82
N VAL A 295 19.37 11.10 -27.04
CA VAL A 295 20.14 12.34 -27.22
C VAL A 295 21.24 12.05 -28.26
N ASP A 296 21.57 13.02 -29.10
CA ASP A 296 22.77 13.04 -29.88
C ASP A 296 23.96 13.36 -28.93
N ARG A 297 24.65 12.31 -28.46
CA ARG A 297 25.68 12.48 -27.44
C ARG A 297 26.77 13.47 -27.87
N GLN A 298 27.31 13.29 -29.07
CA GLN A 298 28.34 14.18 -29.57
C GLN A 298 27.90 15.64 -29.59
N GLY A 299 26.67 15.87 -30.07
CA GLY A 299 26.07 17.21 -30.03
C GLY A 299 25.95 17.81 -28.66
N PHE A 300 25.55 17.00 -27.70
CA PHE A 300 25.51 17.38 -26.28
C PHE A 300 26.92 17.81 -25.78
N VAL A 301 27.93 17.03 -26.14
CA VAL A 301 29.28 17.33 -25.72
C VAL A 301 29.74 18.61 -26.41
N ASP A 302 29.35 18.78 -27.67
CA ASP A 302 29.69 20.00 -28.44
C ASP A 302 29.10 21.24 -27.80
N LEU A 303 27.84 21.12 -27.40
CA LEU A 303 27.14 22.21 -26.73
C LEU A 303 27.87 22.68 -25.47
N LEU A 304 28.16 21.75 -24.58
CA LEU A 304 28.86 22.01 -23.33
C LEU A 304 30.21 22.74 -23.59
N ALA A 305 31.00 22.20 -24.52
CA ALA A 305 32.33 22.73 -24.85
C ALA A 305 32.20 24.08 -25.48
N ASP A 306 31.20 24.26 -26.36
CA ASP A 306 31.03 25.57 -27.01
C ASP A 306 30.69 26.57 -25.94
N ARG A 307 29.81 26.22 -25.01
CA ARG A 307 29.39 27.18 -23.98
C ARG A 307 30.43 27.42 -22.92
N LEU A 308 31.36 26.48 -22.70
CA LEU A 308 32.47 26.67 -21.77
C LEU A 308 33.39 27.82 -22.20
N LYS A 309 33.41 28.13 -23.51
CA LYS A 309 34.23 29.25 -24.05
C LYS A 309 33.78 30.60 -23.48
N PHE A 310 32.51 30.68 -23.05
CA PHE A 310 31.97 31.88 -22.39
C PHE A 310 32.87 32.38 -21.25
N TYR A 311 33.58 31.48 -20.59
CA TYR A 311 34.36 31.87 -19.39
C TYR A 311 35.81 32.19 -19.70
N ALA A 312 36.08 32.37 -21.00
CA ALA A 312 37.40 32.63 -21.55
C ALA A 312 38.15 33.70 -20.79
N SER B 2 -0.68 38.71 27.76
CA SER B 2 -1.04 37.57 28.67
C SER B 2 -2.00 36.57 28.04
N ALA B 3 -2.88 37.03 27.16
CA ALA B 3 -3.75 36.13 26.36
C ALA B 3 -2.91 35.15 25.51
N LEU B 4 -3.47 33.97 25.27
CA LEU B 4 -2.81 32.94 24.47
C LEU B 4 -2.94 33.26 22.99
N PRO B 5 -1.82 33.50 22.29
CA PRO B 5 -1.89 33.79 20.84
C PRO B 5 -2.24 32.54 20.03
N ILE B 6 -3.31 32.61 19.23
CA ILE B 6 -3.71 31.48 18.42
C ILE B 6 -3.97 31.79 16.97
N LEU B 7 -3.61 30.81 16.12
CA LEU B 7 -3.93 30.87 14.68
C LEU B 7 -5.09 29.94 14.45
N LEU B 8 -6.17 30.43 13.87
CA LEU B 8 -7.28 29.53 13.59
C LEU B 8 -7.36 29.19 12.12
N ASP B 9 -7.34 27.91 11.78
CA ASP B 9 -7.42 27.45 10.41
C ASP B 9 -8.64 26.55 10.30
N CYS B 10 -9.59 26.87 9.44
CA CYS B 10 -10.89 26.19 9.49
C CYS B 10 -11.67 26.25 8.17
N ASP B 11 -12.79 25.51 8.11
CA ASP B 11 -13.51 25.40 6.87
C ASP B 11 -15.02 25.55 7.09
N PRO B 12 -15.47 26.76 7.49
CA PRO B 12 -16.84 26.89 7.94
C PRO B 12 -17.85 26.64 6.80
N GLY B 13 -18.88 25.80 7.02
CA GLY B 13 -19.01 24.92 8.18
C GLY B 13 -19.65 25.54 9.42
N HIS B 14 -20.83 25.05 9.80
CA HIS B 14 -21.55 25.48 11.01
C HIS B 14 -20.73 25.37 12.33
N ASP B 15 -20.10 24.23 12.58
CA ASP B 15 -19.38 24.09 13.85
C ASP B 15 -18.09 24.91 13.89
N ASP B 16 -17.39 25.02 12.74
CA ASP B 16 -16.26 25.98 12.65
C ASP B 16 -16.75 27.35 13.06
N ALA B 17 -17.84 27.79 12.43
CA ALA B 17 -18.41 29.08 12.72
C ALA B 17 -18.63 29.29 14.22
N ILE B 18 -19.27 28.31 14.88
CA ILE B 18 -19.55 28.37 16.32
C ILE B 18 -18.24 28.36 17.13
N ALA B 19 -17.20 27.68 16.62
CA ALA B 19 -15.88 27.72 17.27
C ALA B 19 -15.26 29.12 17.19
N ILE B 20 -15.43 29.79 16.06
CA ILE B 20 -15.00 31.19 15.91
C ILE B 20 -15.72 32.08 16.94
N VAL B 21 -17.05 31.98 17.01
CA VAL B 21 -17.82 32.67 18.01
C VAL B 21 -17.30 32.44 19.46
N LEU B 22 -17.00 31.19 19.78
CA LEU B 22 -16.53 30.86 21.10
C LEU B 22 -15.16 31.52 21.40
N ALA B 23 -14.23 31.38 20.45
CA ALA B 23 -12.89 32.00 20.54
C ALA B 23 -12.91 33.52 20.74
N LEU B 24 -13.71 34.23 19.95
CA LEU B 24 -13.77 35.71 20.03
C LEU B 24 -14.51 36.24 21.28
N ALA B 25 -15.28 35.37 21.92
CA ALA B 25 -15.92 35.70 23.20
C ALA B 25 -15.00 35.39 24.43
N SER B 26 -13.78 34.93 24.17
CA SER B 26 -12.85 34.49 25.22
C SER B 26 -11.60 35.35 25.24
N PRO B 27 -11.50 36.29 26.20
CA PRO B 27 -10.34 37.19 26.24
C PRO B 27 -9.05 36.49 26.73
N GLU B 28 -9.17 35.24 27.17
CA GLU B 28 -8.03 34.36 27.41
C GLU B 28 -7.30 34.05 26.11
N LEU B 29 -7.99 34.19 25.00
CA LEU B 29 -7.42 33.91 23.65
C LEU B 29 -7.28 35.17 22.80
N ASP B 30 -6.13 35.32 22.15
CA ASP B 30 -5.86 36.38 21.18
C ASP B 30 -5.76 35.64 19.87
N VAL B 31 -6.82 35.72 19.08
CA VAL B 31 -6.82 35.13 17.74
C VAL B 31 -5.97 36.03 16.82
N LYS B 32 -4.83 35.52 16.40
CA LYS B 32 -3.89 36.29 15.55
C LYS B 32 -4.34 36.41 14.11
N ALA B 33 -4.99 35.35 13.61
CA ALA B 33 -5.50 35.33 12.23
C ALA B 33 -6.46 34.17 12.07
N ILE B 34 -7.30 34.21 11.04
CA ILE B 34 -8.14 33.06 10.70
C ILE B 34 -7.91 32.78 9.23
N THR B 35 -7.59 31.54 8.89
CA THR B 35 -7.34 31.17 7.50
C THR B 35 -8.29 30.03 7.16
N SER B 36 -8.48 29.79 5.87
CA SER B 36 -9.53 28.90 5.46
C SER B 36 -8.97 27.73 4.76
N SER B 37 -9.46 26.56 5.15
CA SER B 37 -9.14 25.34 4.44
C SER B 37 -10.39 24.92 3.63
N ALA B 38 -10.24 23.96 2.76
CA ALA B 38 -11.32 23.50 1.95
C ALA B 38 -11.51 22.03 2.28
N GLY B 39 -12.78 21.64 2.39
CA GLY B 39 -13.23 20.32 2.80
C GLY B 39 -14.74 20.38 2.92
N ASN B 40 -15.26 21.01 4.00
CA ASN B 40 -16.73 21.22 4.19
C ASN B 40 -17.35 21.83 2.93
N GLN B 41 -16.59 22.76 2.31
CA GLN B 41 -16.95 23.41 1.03
C GLN B 41 -15.74 23.70 0.15
N THR B 42 -15.98 24.30 -1.02
CA THR B 42 -14.94 24.87 -1.90
C THR B 42 -14.18 26.00 -1.19
N PRO B 43 -12.93 26.24 -1.62
CA PRO B 43 -12.16 27.25 -0.89
C PRO B 43 -12.74 28.64 -1.02
N GLU B 44 -13.49 28.91 -2.12
CA GLU B 44 -14.08 30.22 -2.25
C GLU B 44 -15.13 30.44 -1.14
N LYS B 45 -15.89 29.38 -0.85
CA LYS B 45 -16.94 29.44 0.14
C LYS B 45 -16.43 29.46 1.55
N THR B 46 -15.42 28.64 1.85
CA THR B 46 -14.90 28.64 3.22
C THR B 46 -14.29 30.01 3.56
N LEU B 47 -13.57 30.62 2.61
CA LEU B 47 -13.04 31.96 2.82
C LEU B 47 -14.17 32.98 3.07
N ARG B 48 -15.15 32.97 2.18
CA ARG B 48 -16.32 33.81 2.29
C ARG B 48 -16.92 33.70 3.67
N ASN B 49 -17.07 32.45 4.15
CA ASN B 49 -17.67 32.19 5.43
C ASN B 49 -16.88 32.72 6.64
N VAL B 50 -15.55 32.65 6.59
CA VAL B 50 -14.71 33.29 7.62
C VAL B 50 -14.96 34.82 7.61
N LEU B 51 -15.03 35.40 6.42
CA LEU B 51 -15.26 36.85 6.28
C LEU B 51 -16.66 37.24 6.80
N ARG B 52 -17.65 36.40 6.55
CA ARG B 52 -19.01 36.70 7.00
C ARG B 52 -19.07 36.64 8.51
N MET B 53 -18.43 35.62 9.10
CA MET B 53 -18.44 35.46 10.56
C MET B 53 -17.77 36.62 11.26
N LEU B 54 -16.60 37.01 10.78
CA LEU B 54 -15.86 38.19 11.31
C LEU B 54 -16.61 39.51 11.18
N THR B 55 -17.31 39.66 10.04
CA THR B 55 -18.23 40.78 9.84
C THR B 55 -19.32 40.75 10.90
N LEU B 56 -19.97 39.59 11.06
CA LEU B 56 -21.04 39.43 12.07
C LEU B 56 -20.54 39.82 13.46
N LEU B 57 -19.37 39.33 13.82
CA LEU B 57 -18.84 39.45 15.17
C LEU B 57 -18.08 40.77 15.47
N ASN B 58 -18.09 41.69 14.50
CA ASN B 58 -17.33 42.95 14.58
C ASN B 58 -15.87 42.78 14.92
N ARG B 59 -15.22 41.77 14.30
CA ARG B 59 -13.79 41.68 14.38
C ARG B 59 -13.13 41.65 13.01
N THR B 60 -13.42 42.65 12.18
CA THR B 60 -12.75 42.84 10.91
C THR B 60 -11.26 43.21 11.08
N ASP B 61 -10.84 43.47 12.30
CA ASP B 61 -9.42 43.71 12.59
C ASP B 61 -8.53 42.44 12.52
N ILE B 62 -9.14 41.26 12.54
CA ILE B 62 -8.36 40.00 12.52
C ILE B 62 -8.08 39.65 11.06
N PRO B 63 -6.78 39.51 10.73
CA PRO B 63 -6.40 39.17 9.37
C PRO B 63 -6.85 37.83 8.91
N VAL B 64 -7.35 37.79 7.68
CA VAL B 64 -7.87 36.55 7.06
C VAL B 64 -7.18 36.29 5.72
N ALA B 65 -6.88 35.03 5.43
CA ALA B 65 -6.29 34.64 4.13
C ALA B 65 -6.89 33.31 3.72
N GLY B 66 -7.04 33.09 2.45
CA GLY B 66 -7.51 31.80 2.00
C GLY B 66 -6.33 30.91 1.73
N GLY B 67 -6.50 29.62 2.02
CA GLY B 67 -5.43 28.65 1.87
C GLY B 67 -5.60 27.78 0.65
N ALA B 68 -5.06 26.55 0.77
CA ALA B 68 -4.90 25.64 -0.34
C ALA B 68 -6.21 25.32 -0.97
N VAL B 69 -6.22 25.13 -2.30
CA VAL B 69 -7.48 24.92 -3.00
C VAL B 69 -7.89 23.44 -3.15
N LYS B 70 -7.04 22.53 -2.69
CA LYS B 70 -7.36 21.12 -2.74
C LYS B 70 -6.35 20.40 -1.80
N PRO B 71 -6.63 19.13 -1.45
CA PRO B 71 -5.65 18.40 -0.62
C PRO B 71 -4.30 18.21 -1.32
N LEU B 72 -3.26 17.88 -0.55
CA LEU B 72 -1.89 17.81 -1.03
C LEU B 72 -1.74 16.92 -2.29
N MET B 73 -2.30 15.72 -2.23
CA MET B 73 -2.18 14.73 -3.31
C MET B 73 -3.51 14.11 -3.75
N ARG B 74 -4.63 14.74 -3.43
CA ARG B 74 -5.94 14.14 -3.72
C ARG B 74 -6.85 15.21 -4.19
N GLU B 75 -7.93 14.81 -4.86
CA GLU B 75 -8.97 15.73 -5.22
C GLU B 75 -9.82 16.12 -4.03
N LEU B 76 -10.36 17.33 -4.11
CA LEU B 76 -11.27 17.83 -3.13
C LEU B 76 -12.60 17.04 -3.14
N GLY B 87 -22.27 26.85 2.94
CA GLY B 87 -21.59 26.08 3.99
C GLY B 87 -22.01 26.46 5.40
N LEU B 88 -22.86 27.50 5.50
CA LEU B 88 -23.41 28.06 6.76
C LEU B 88 -24.88 28.40 6.59
N ASP B 89 -25.64 27.48 5.98
CA ASP B 89 -27.07 27.70 5.74
C ASP B 89 -27.88 27.78 7.02
N GLY B 90 -29.04 28.42 6.94
CA GLY B 90 -29.95 28.56 8.08
C GLY B 90 -30.25 30.01 8.41
N PRO B 91 -29.40 30.63 9.26
CA PRO B 91 -29.58 32.06 9.63
C PRO B 91 -29.15 33.01 8.50
N ALA B 92 -29.70 34.21 8.50
CA ALA B 92 -29.23 35.28 7.62
C ALA B 92 -27.95 35.85 8.19
N LEU B 93 -26.86 35.72 7.42
CA LEU B 93 -25.56 36.23 7.81
C LEU B 93 -25.22 37.50 6.98
N PRO B 94 -24.39 38.42 7.55
CA PRO B 94 -24.02 39.61 6.79
C PRO B 94 -23.10 39.28 5.63
N GLU B 95 -23.15 40.11 4.61
CA GLU B 95 -22.19 40.06 3.53
C GLU B 95 -20.88 40.58 4.11
N PRO B 96 -19.73 40.06 3.63
CA PRO B 96 -18.44 40.59 4.13
C PRO B 96 -18.28 42.09 3.85
N THR B 97 -17.79 42.81 4.85
CA THR B 97 -17.56 44.26 4.74
C THR B 97 -16.08 44.57 4.60
N PHE B 98 -15.26 43.53 4.63
CA PHE B 98 -13.82 43.69 4.51
C PHE B 98 -13.22 42.62 3.60
N ALA B 99 -11.92 42.77 3.34
CA ALA B 99 -11.16 41.95 2.42
C ALA B 99 -10.17 41.01 3.12
N PRO B 100 -9.99 39.81 2.56
CA PRO B 100 -8.87 39.02 3.07
C PRO B 100 -7.52 39.69 2.73
N GLN B 101 -6.47 39.33 3.47
CA GLN B 101 -5.14 39.82 3.19
C GLN B 101 -4.75 39.35 1.81
N ASN B 102 -3.90 40.16 1.15
CA ASN B 102 -3.37 39.78 -0.15
C ASN B 102 -2.21 38.74 -0.03
N CYS B 103 -2.52 37.57 0.48
CA CYS B 103 -1.51 36.51 0.58
C CYS B 103 -2.20 35.21 0.92
N THR B 104 -1.46 34.10 0.96
CA THR B 104 -2.04 32.80 1.19
C THR B 104 -2.09 32.49 2.69
N ALA B 105 -2.87 31.50 3.10
CA ALA B 105 -2.96 31.10 4.47
C ALA B 105 -1.57 30.78 5.09
N VAL B 106 -0.77 30.00 4.38
CA VAL B 106 0.57 29.66 4.83
C VAL B 106 1.36 30.92 5.05
N GLU B 107 1.28 31.88 4.12
CA GLU B 107 2.04 33.13 4.27
C GLU B 107 1.59 33.93 5.52
N LEU B 108 0.30 34.00 5.75
CA LEU B 108 -0.19 34.70 6.96
C LEU B 108 0.21 33.96 8.25
N MET B 109 0.10 32.65 8.22
CA MET B 109 0.60 31.82 9.33
C MET B 109 2.11 32.08 9.59
N ALA B 110 2.95 31.93 8.56
CA ALA B 110 4.38 32.14 8.70
C ALA B 110 4.68 33.52 9.25
N LYS B 111 4.03 34.54 8.66
CA LYS B 111 4.21 35.94 9.06
C LYS B 111 3.92 36.13 10.57
N THR B 112 2.80 35.57 11.02
CA THR B 112 2.37 35.60 12.40
C THR B 112 3.43 34.96 13.34
N LEU B 113 3.91 33.76 12.98
CA LEU B 113 4.97 33.06 13.73
C LEU B 113 6.24 33.87 13.85
N ARG B 114 6.71 34.38 12.71
CA ARG B 114 7.94 35.19 12.61
C ARG B 114 7.91 36.37 13.51
N GLU B 115 6.77 37.08 13.54
CA GLU B 115 6.68 38.32 14.30
C GLU B 115 6.20 38.14 15.73
N SER B 116 5.76 36.93 16.09
CA SER B 116 5.32 36.69 17.46
C SER B 116 6.54 36.62 18.38
N ALA B 117 6.38 37.12 19.61
CA ALA B 117 7.48 37.09 20.56
C ALA B 117 7.46 35.83 21.42
N GLU B 118 6.33 35.12 21.42
CA GLU B 118 6.26 33.80 22.09
C GLU B 118 5.57 32.76 21.18
N PRO B 119 5.70 31.44 21.47
CA PRO B 119 5.06 30.42 20.63
C PRO B 119 3.57 30.59 20.50
N VAL B 120 3.04 30.32 19.29
CA VAL B 120 1.64 30.46 18.95
C VAL B 120 0.97 29.08 18.85
N THR B 121 -0.27 29.00 19.33
CA THR B 121 -1.07 27.78 19.22
C THR B 121 -1.87 27.73 17.92
N ILE B 122 -1.71 26.62 17.20
CA ILE B 122 -2.48 26.41 15.95
C ILE B 122 -3.71 25.54 16.30
N VAL B 123 -4.90 26.00 15.89
CA VAL B 123 -6.11 25.24 16.01
C VAL B 123 -6.63 25.04 14.58
N SER B 124 -6.70 23.80 14.14
CA SER B 124 -7.09 23.54 12.74
C SER B 124 -8.25 22.56 12.73
N THR B 125 -9.39 23.01 12.24
CA THR B 125 -10.62 22.27 12.39
C THR B 125 -11.26 21.89 11.05
N GLY B 126 -10.53 22.13 9.95
CA GLY B 126 -10.79 21.48 8.67
C GLY B 126 -9.69 20.43 8.41
N PRO B 127 -9.54 20.03 7.14
CA PRO B 127 -8.40 19.20 6.72
C PRO B 127 -7.10 19.89 7.06
N GLN B 128 -6.02 19.11 7.17
CA GLN B 128 -4.76 19.63 7.77
C GLN B 128 -3.89 20.28 6.69
N THR B 129 -4.49 20.48 5.50
CA THR B 129 -3.72 20.89 4.31
C THR B 129 -2.80 22.09 4.50
N ASN B 130 -3.33 23.18 5.10
CA ASN B 130 -2.54 24.43 5.23
C ASN B 130 -1.45 24.25 6.31
N VAL B 131 -1.80 23.52 7.34
CA VAL B 131 -0.90 23.32 8.48
C VAL B 131 0.28 22.48 8.08
N ALA B 132 0.00 21.38 7.33
CA ALA B 132 1.08 20.58 6.71
C ALA B 132 1.97 21.43 5.81
N LEU B 133 1.38 22.23 4.94
CA LEU B 133 2.18 23.09 4.07
C LEU B 133 3.14 24.02 4.90
N LEU B 134 2.62 24.66 5.95
CA LEU B 134 3.42 25.51 6.82
C LEU B 134 4.56 24.72 7.48
N LEU B 135 4.22 23.54 7.98
CA LEU B 135 5.23 22.70 8.66
C LEU B 135 6.37 22.36 7.73
N ASN B 136 6.03 21.89 6.51
CA ASN B 136 7.06 21.41 5.57
C ASN B 136 7.82 22.58 4.96
N SER B 137 7.13 23.69 4.75
CA SER B 137 7.80 24.81 4.13
C SER B 137 8.52 25.79 5.08
N HIS B 138 8.26 25.71 6.39
CA HIS B 138 8.93 26.58 7.40
C HIS B 138 9.49 25.80 8.59
N PRO B 139 10.43 24.89 8.34
CA PRO B 139 11.03 24.19 9.50
C PRO B 139 11.70 25.18 10.51
N GLU B 140 12.12 26.33 10.05
CA GLU B 140 12.81 27.25 10.94
C GLU B 140 11.80 27.95 11.88
N LEU B 141 10.49 27.76 11.67
CA LEU B 141 9.46 28.35 12.55
C LEU B 141 8.78 27.34 13.48
N HIS B 142 9.21 26.08 13.45
CA HIS B 142 8.58 25.04 14.27
C HIS B 142 8.69 25.44 15.74
N SER B 143 9.81 26.06 16.11
CA SER B 143 10.04 26.54 17.46
C SER B 143 9.05 27.61 17.95
N LYS B 144 8.33 28.23 17.01
CA LYS B 144 7.34 29.26 17.25
C LYS B 144 5.93 28.73 17.34
N ILE B 145 5.79 27.41 17.21
CA ILE B 145 4.51 26.72 17.36
C ILE B 145 4.48 25.94 18.68
N ALA B 146 3.60 26.37 19.60
CA ALA B 146 3.48 25.72 20.91
C ALA B 146 2.90 24.29 20.78
N ARG B 147 1.83 24.15 19.99
CA ARG B 147 1.10 22.90 19.82
C ARG B 147 0.09 23.08 18.70
N ILE B 148 -0.40 21.98 18.15
CA ILE B 148 -1.44 22.03 17.09
C ILE B 148 -2.68 21.30 17.60
N VAL B 149 -3.77 22.01 17.76
CA VAL B 149 -5.01 21.45 18.32
C VAL B 149 -5.94 21.19 17.16
N ILE B 150 -6.27 19.92 16.91
CA ILE B 150 -7.13 19.61 15.74
C ILE B 150 -8.56 19.12 16.09
N MET B 151 -9.53 19.38 15.22
CA MET B 151 -10.70 18.52 15.16
C MET B 151 -10.49 17.56 13.97
N GLY B 152 -10.41 16.27 14.27
CA GLY B 152 -10.33 15.27 13.24
C GLY B 152 -9.99 13.92 13.87
N GLY B 153 -10.31 12.87 13.13
CA GLY B 153 -9.95 11.51 13.49
C GLY B 153 -10.96 10.80 14.33
N ALA B 154 -10.71 9.51 14.57
CA ALA B 154 -11.59 8.73 15.44
C ALA B 154 -10.80 7.55 15.90
N MET B 155 -10.69 7.36 17.21
CA MET B 155 -10.08 6.14 17.70
C MET B 155 -10.95 4.95 17.31
N GLY B 156 -12.27 5.12 17.43
CA GLY B 156 -13.23 4.10 17.01
C GLY B 156 -13.70 4.33 15.59
N LEU B 157 -14.95 3.98 15.32
CA LEU B 157 -15.54 4.02 13.99
C LEU B 157 -15.53 5.42 13.39
N GLY B 158 -15.21 5.53 12.09
CA GLY B 158 -15.22 6.87 11.43
C GLY B 158 -16.64 7.32 11.08
N ASN B 159 -16.80 8.58 10.62
CA ASN B 159 -18.12 9.06 10.14
C ASN B 159 -18.19 9.24 8.62
N TRP B 160 -17.10 8.96 7.91
CA TRP B 160 -17.11 9.21 6.47
C TRP B 160 -16.98 7.88 5.74
N THR B 161 -15.98 7.12 6.14
CA THR B 161 -15.84 5.74 5.74
C THR B 161 -15.86 4.91 7.06
N PRO B 162 -15.99 3.56 6.96
CA PRO B 162 -16.03 2.79 8.22
C PRO B 162 -14.89 3.09 9.22
N ALA B 163 -13.68 3.39 8.73
CA ALA B 163 -12.49 3.58 9.58
C ALA B 163 -12.07 5.04 9.80
N ALA B 164 -12.60 5.96 8.99
CA ALA B 164 -12.06 7.30 8.85
C ALA B 164 -13.10 8.38 9.08
N GLU B 165 -12.69 9.38 9.84
CA GLU B 165 -13.43 10.63 10.03
C GLU B 165 -13.06 11.55 8.88
N PHE B 166 -14.03 12.39 8.44
CA PHE B 166 -13.96 13.21 7.19
C PHE B 166 -12.72 14.10 7.04
N ASN B 167 -12.41 14.91 8.03
CA ASN B 167 -11.33 15.88 7.93
C ASN B 167 -10.05 15.17 7.53
N ILE B 168 -9.80 14.03 8.20
CA ILE B 168 -8.56 13.29 8.00
C ILE B 168 -8.66 12.60 6.64
N TYR B 169 -9.83 12.07 6.32
CA TYR B 169 -9.98 11.34 5.06
C TYR B 169 -9.76 12.24 3.81
N VAL B 170 -10.15 13.50 3.91
CA VAL B 170 -10.04 14.48 2.81
C VAL B 170 -8.58 14.69 2.44
N ASP B 171 -7.69 14.66 3.45
CA ASP B 171 -6.25 14.86 3.23
C ASP B 171 -5.47 14.06 4.28
N PRO B 172 -5.32 12.75 4.04
CA PRO B 172 -4.64 11.86 5.01
C PRO B 172 -3.18 12.29 5.10
N GLU B 173 -2.57 12.59 3.94
CA GLU B 173 -1.11 12.89 3.89
C GLU B 173 -0.82 14.11 4.75
N ALA B 174 -1.57 15.17 4.54
CA ALA B 174 -1.48 16.40 5.41
C ALA B 174 -1.58 16.10 6.89
N ALA B 175 -2.56 15.27 7.27
CA ALA B 175 -2.70 14.88 8.69
C ALA B 175 -1.49 14.13 9.20
N GLU B 176 -1.00 13.18 8.42
CA GLU B 176 0.17 12.39 8.81
C GLU B 176 1.39 13.33 8.97
N ILE B 177 1.52 14.30 8.07
CA ILE B 177 2.58 15.29 8.22
C ILE B 177 2.49 16.04 9.57
N VAL B 178 1.30 16.52 9.91
CA VAL B 178 1.08 17.07 11.26
C VAL B 178 1.48 16.15 12.44
N PHE B 179 0.96 14.94 12.46
CA PHE B 179 1.25 14.02 13.54
C PHE B 179 2.72 13.54 13.59
N GLN B 180 3.41 13.48 12.45
CA GLN B 180 4.85 13.09 12.43
C GLN B 180 5.81 14.29 12.59
N SER B 181 5.25 15.49 12.77
CA SER B 181 6.05 16.72 12.71
C SER B 181 7.01 16.97 13.88
N GLY B 182 6.68 16.48 15.06
CA GLY B 182 7.56 16.65 16.25
C GLY B 182 6.95 17.76 17.09
N ILE B 183 5.89 18.37 16.59
CA ILE B 183 5.17 19.40 17.36
C ILE B 183 4.02 18.74 18.11
N PRO B 184 3.82 19.07 19.42
CA PRO B 184 2.76 18.43 20.18
C PRO B 184 1.40 18.60 19.49
N VAL B 185 0.68 17.50 19.34
CA VAL B 185 -0.67 17.51 18.76
C VAL B 185 -1.70 17.20 19.86
N VAL B 186 -2.83 17.90 19.80
CA VAL B 186 -3.98 17.63 20.63
C VAL B 186 -5.10 17.35 19.65
N MET B 187 -5.80 16.24 19.88
CA MET B 187 -6.77 15.68 18.93
C MET B 187 -8.18 15.58 19.51
N ALA B 188 -9.10 16.35 18.95
CA ALA B 188 -10.51 16.24 19.28
C ALA B 188 -11.12 15.36 18.21
N GLY B 189 -11.09 14.05 18.38
CA GLY B 189 -11.69 13.17 17.36
C GLY B 189 -13.11 12.83 17.73
N LEU B 190 -13.73 11.92 16.99
CA LEU B 190 -15.13 11.59 17.14
C LEU B 190 -15.45 10.98 18.52
N ASP B 191 -14.43 10.38 19.12
CA ASP B 191 -14.55 9.77 20.45
C ASP B 191 -15.05 10.79 21.43
N VAL B 192 -14.55 12.03 21.34
CA VAL B 192 -15.04 13.08 22.23
C VAL B 192 -16.17 13.90 21.58
N THR B 193 -16.00 14.30 20.33
CA THR B 193 -17.00 15.20 19.74
C THR B 193 -18.38 14.55 19.65
N HIS B 194 -18.44 13.23 19.47
CA HIS B 194 -19.74 12.54 19.52
C HIS B 194 -20.42 12.59 20.89
N LYS B 195 -19.63 12.81 21.95
CA LYS B 195 -20.17 12.96 23.33
C LYS B 195 -20.58 14.43 23.57
N ALA B 196 -20.05 15.35 22.77
CA ALA B 196 -20.31 16.79 22.93
C ALA B 196 -21.59 17.20 22.20
N GLN B 197 -22.68 16.55 22.56
CA GLN B 197 -23.96 16.77 21.91
C GLN B 197 -24.74 17.95 22.49
N ILE B 198 -25.43 18.66 21.59
CA ILE B 198 -26.27 19.78 21.93
C ILE B 198 -27.71 19.27 21.78
N HIS B 199 -28.44 19.23 22.88
CA HIS B 199 -29.77 18.66 22.93
C HIS B 199 -30.71 19.79 22.56
N VAL B 200 -31.93 19.47 22.15
CA VAL B 200 -32.92 20.51 21.77
C VAL B 200 -33.07 21.61 22.86
N GLU B 201 -33.01 21.20 24.13
CA GLU B 201 -33.12 22.08 25.31
C GLU B 201 -31.95 23.05 25.36
N ASP B 202 -30.76 22.53 25.03
CA ASP B 202 -29.58 23.35 25.02
C ASP B 202 -29.72 24.44 23.96
N THR B 203 -30.25 24.08 22.80
CA THR B 203 -30.39 25.02 21.67
C THR B 203 -31.40 26.09 22.04
N GLU B 204 -32.37 25.70 22.86
CA GLU B 204 -33.36 26.65 23.35
C GLU B 204 -32.75 27.62 24.39
N ARG B 205 -31.85 27.08 25.23
CA ARG B 205 -31.09 27.87 26.19
C ARG B 205 -30.30 28.93 25.42
N PHE B 206 -29.47 28.50 24.46
CA PHE B 206 -28.68 29.45 23.65
C PHE B 206 -29.59 30.53 23.02
N ARG B 207 -30.73 30.11 22.49
CA ARG B 207 -31.67 31.05 21.87
C ARG B 207 -32.30 32.01 22.88
N ALA B 208 -32.51 31.56 24.13
CA ALA B 208 -33.06 32.44 25.19
C ALA B 208 -32.10 33.51 25.70
N ILE B 209 -30.81 33.40 25.37
CA ILE B 209 -29.79 34.37 25.79
C ILE B 209 -30.03 35.79 25.25
N GLY B 210 -30.66 35.89 24.09
CA GLY B 210 -31.26 37.15 23.64
C GLY B 210 -30.31 38.17 23.03
N ASN B 211 -29.31 37.72 22.28
CA ASN B 211 -28.55 38.65 21.43
C ASN B 211 -28.45 38.11 20.00
N PRO B 212 -28.11 38.98 19.01
CA PRO B 212 -28.07 38.54 17.61
C PRO B 212 -27.16 37.34 17.39
N VAL B 213 -26.10 37.22 18.15
CA VAL B 213 -25.15 36.13 17.94
C VAL B 213 -25.69 34.81 18.50
N SER B 214 -26.25 34.84 19.72
CA SER B 214 -26.74 33.60 20.34
C SER B 214 -27.92 33.09 19.51
N THR B 215 -28.63 34.04 18.90
CA THR B 215 -29.69 33.73 17.95
C THR B 215 -29.15 33.00 16.70
N ILE B 216 -28.07 33.53 16.11
CA ILE B 216 -27.40 32.91 14.96
C ILE B 216 -26.89 31.51 15.30
N VAL B 217 -26.30 31.36 16.49
CA VAL B 217 -25.76 30.08 16.95
C VAL B 217 -26.90 29.06 17.05
N ALA B 218 -28.01 29.48 17.63
CA ALA B 218 -29.21 28.62 17.80
C ALA B 218 -29.81 28.20 16.45
N GLU B 219 -29.97 29.15 15.55
CA GLU B 219 -30.42 28.88 14.18
C GLU B 219 -29.48 28.01 13.31
N LEU B 220 -28.17 28.24 13.41
CA LEU B 220 -27.16 27.36 12.79
C LEU B 220 -27.43 25.93 13.25
N LEU B 221 -27.55 25.78 14.58
CA LEU B 221 -27.87 24.49 15.23
C LEU B 221 -29.20 23.88 14.77
N ASP B 222 -30.22 24.73 14.63
CA ASP B 222 -31.54 24.29 14.16
C ASP B 222 -31.40 23.59 12.82
N PHE B 223 -30.67 24.24 11.93
CA PHE B 223 -30.38 23.69 10.62
C PHE B 223 -29.88 22.26 10.72
N PHE B 224 -28.74 22.04 11.37
CA PHE B 224 -28.22 20.70 11.48
C PHE B 224 -29.28 19.61 11.78
N LEU B 225 -30.25 19.87 12.67
CA LEU B 225 -31.27 18.85 12.99
C LEU B 225 -32.33 18.60 11.89
N LYS B 232 -28.76 6.83 12.03
CA LYS B 232 -28.19 5.52 12.37
C LYS B 232 -27.20 5.52 13.55
N TRP B 233 -26.70 6.70 13.91
CA TRP B 233 -25.83 6.84 15.07
C TRP B 233 -26.54 6.79 16.44
N GLY B 234 -27.82 7.15 16.46
CA GLY B 234 -28.59 7.19 17.68
C GLY B 234 -28.15 8.25 18.68
N PHE B 235 -27.77 9.42 18.16
CA PHE B 235 -27.44 10.55 19.01
C PHE B 235 -28.71 11.07 19.64
N VAL B 236 -28.61 11.52 20.90
CA VAL B 236 -29.71 12.19 21.58
C VAL B 236 -29.92 13.62 21.03
N GLY B 237 -28.82 14.30 20.74
CA GLY B 237 -28.84 15.60 20.09
C GLY B 237 -27.66 15.66 19.14
N ALA B 238 -27.44 16.80 18.51
CA ALA B 238 -26.38 16.92 17.50
C ALA B 238 -25.00 17.17 18.13
N PRO B 239 -23.96 16.37 17.73
CA PRO B 239 -22.56 16.62 18.12
C PRO B 239 -22.06 17.96 17.64
N LEU B 240 -21.25 18.62 18.45
CA LEU B 240 -20.68 19.91 18.09
C LEU B 240 -19.18 19.70 18.12
N HIS B 241 -18.60 19.46 16.93
CA HIS B 241 -17.25 18.96 16.83
C HIS B 241 -16.23 20.07 17.06
N ASP B 242 -16.21 21.07 16.16
CA ASP B 242 -15.10 22.04 16.16
C ASP B 242 -14.92 22.86 17.48
N PRO B 243 -16.01 23.31 18.13
CA PRO B 243 -15.82 24.07 19.38
C PRO B 243 -15.12 23.32 20.53
N CYS B 244 -14.95 21.99 20.39
CA CYS B 244 -14.22 21.19 21.38
C CYS B 244 -12.75 21.55 21.46
N THR B 245 -12.15 21.93 20.33
CA THR B 245 -10.78 22.45 20.29
C THR B 245 -10.60 23.70 21.16
N ILE B 246 -11.43 24.72 20.90
CA ILE B 246 -11.41 25.99 21.66
C ILE B 246 -11.79 25.74 23.12
N ALA B 247 -12.82 24.91 23.36
CA ALA B 247 -13.24 24.60 24.73
C ALA B 247 -12.12 23.95 25.54
N TRP B 248 -11.32 23.08 24.90
CA TRP B 248 -10.20 22.41 25.58
C TRP B 248 -9.10 23.43 25.99
N LEU B 249 -8.85 24.42 25.14
CA LEU B 249 -7.90 25.46 25.47
C LEU B 249 -8.38 26.30 26.63
N LEU B 250 -9.69 26.55 26.68
CA LEU B 250 -10.33 27.39 27.71
C LEU B 250 -10.50 26.66 29.04
N LYS B 251 -10.97 25.41 28.97
CA LYS B 251 -11.27 24.59 30.16
C LYS B 251 -10.89 23.13 29.95
N PRO B 252 -9.56 22.84 29.93
CA PRO B 252 -9.11 21.47 29.66
C PRO B 252 -9.68 20.52 30.70
N GLU B 253 -10.06 21.05 31.85
CA GLU B 253 -10.57 20.21 32.96
C GLU B 253 -11.97 19.63 32.66
N LEU B 254 -12.62 20.18 31.64
CA LEU B 254 -13.86 19.58 31.10
C LEU B 254 -13.60 18.26 30.36
N PHE B 255 -12.36 18.02 29.94
CA PHE B 255 -12.03 16.86 29.11
C PHE B 255 -11.21 15.81 29.83
N THR B 256 -11.36 14.57 29.36
CA THR B 256 -10.43 13.50 29.72
C THR B 256 -9.61 13.19 28.49
N SER B 257 -8.30 13.04 28.65
CA SER B 257 -7.43 12.75 27.50
C SER B 257 -6.29 11.80 27.85
N VAL B 258 -5.76 11.16 26.82
CA VAL B 258 -4.66 10.21 26.99
C VAL B 258 -3.56 10.62 26.03
N GLU B 259 -2.33 10.44 26.49
CA GLU B 259 -1.17 10.74 25.69
C GLU B 259 -0.70 9.46 25.00
N ARG B 260 -0.86 9.38 23.68
CA ARG B 260 -0.62 8.12 22.96
C ARG B 260 0.00 8.42 21.60
N TRP B 261 0.51 7.37 20.92
CA TRP B 261 0.97 7.53 19.56
C TRP B 261 -0.24 7.44 18.64
N VAL B 262 -0.31 8.40 17.71
CA VAL B 262 -1.27 8.33 16.60
C VAL B 262 -0.55 8.27 15.25
N GLY B 263 -0.91 7.32 14.39
CA GLY B 263 -0.53 7.36 12.99
C GLY B 263 -1.73 7.54 12.07
N VAL B 264 -1.57 8.21 10.94
CA VAL B 264 -2.64 8.29 9.94
C VAL B 264 -2.31 7.39 8.73
N GLU B 265 -3.23 6.47 8.41
CA GLU B 265 -3.12 5.58 7.28
C GLU B 265 -3.25 6.38 6.01
N THR B 266 -2.33 6.18 5.07
CA THR B 266 -2.37 6.89 3.77
C THR B 266 -2.37 5.91 2.63
N GLN B 267 -2.13 4.61 2.94
CA GLN B 267 -2.01 3.57 1.88
C GLN B 267 -3.09 2.49 1.83
N GLY B 268 -3.92 2.33 2.84
CA GLY B 268 -4.65 1.08 2.95
C GLY B 268 -5.68 0.91 1.88
N LYS B 269 -6.06 -0.31 1.59
CA LYS B 269 -7.16 -0.54 0.68
C LYS B 269 -8.53 -0.14 1.25
N TYR B 270 -8.74 -0.44 2.55
CA TYR B 270 -10.00 -0.10 3.20
C TYR B 270 -9.90 0.99 4.27
N THR B 271 -8.70 1.48 4.54
CA THR B 271 -8.49 2.27 5.74
C THR B 271 -7.86 3.63 5.51
N GLN B 272 -7.80 4.14 4.28
CA GLN B 272 -7.17 5.47 4.07
C GLN B 272 -7.86 6.51 4.99
N GLY B 273 -7.05 7.31 5.69
CA GLY B 273 -7.53 8.36 6.53
C GLY B 273 -7.86 7.96 7.98
N MET B 274 -7.68 6.68 8.29
CA MET B 274 -7.85 6.23 9.66
C MET B 274 -6.81 6.85 10.56
N THR B 275 -7.20 7.27 11.76
CA THR B 275 -6.25 7.62 12.79
C THR B 275 -6.05 6.40 13.64
N VAL B 276 -4.86 5.82 13.57
CA VAL B 276 -4.52 4.65 14.31
C VAL B 276 -3.93 5.13 15.64
N VAL B 277 -4.64 4.83 16.72
CA VAL B 277 -4.27 5.30 18.06
C VAL B 277 -3.80 4.11 18.90
N ASP B 278 -2.55 4.18 19.31
CA ASP B 278 -1.99 3.01 20.01
C ASP B 278 -2.31 3.11 21.49
N TYR B 279 -3.60 2.89 21.77
CA TYR B 279 -4.19 3.07 23.08
C TYR B 279 -3.61 2.15 24.12
N TYR B 280 -3.34 0.90 23.76
CA TYR B 280 -2.81 -0.12 24.69
C TYR B 280 -1.32 -0.36 24.57
N TYR B 281 -0.59 0.59 23.96
CA TYR B 281 0.90 0.58 23.88
C TYR B 281 1.44 -0.67 23.21
N LEU B 282 0.98 -0.97 22.01
CA LEU B 282 1.35 -2.24 21.36
C LEU B 282 2.48 -2.01 20.38
N THR B 283 2.70 -0.75 20.04
CA THR B 283 3.78 -0.38 19.10
C THR B 283 4.99 0.10 19.87
N GLY B 284 6.09 0.30 19.16
CA GLY B 284 7.27 0.80 19.86
C GLY B 284 7.21 2.31 19.98
N ASN B 285 6.23 2.90 19.32
CA ASN B 285 6.18 4.32 19.02
C ASN B 285 5.97 5.28 20.19
N LYS B 286 6.81 6.30 20.20
CA LYS B 286 6.71 7.35 21.18
C LYS B 286 5.44 8.15 21.00
N PRO B 287 4.65 8.33 22.07
CA PRO B 287 3.47 9.18 21.95
C PRO B 287 3.73 10.55 21.25
N ASN B 288 2.83 10.94 20.36
CA ASN B 288 2.95 12.21 19.68
C ASN B 288 1.69 13.10 19.84
N ALA B 289 0.70 12.60 20.59
CA ALA B 289 -0.59 13.28 20.65
C ALA B 289 -1.27 13.15 22.04
N THR B 290 -2.05 14.16 22.36
CA THR B 290 -3.02 14.16 23.44
C THR B 290 -4.35 13.93 22.76
N VAL B 291 -4.93 12.76 23.05
CA VAL B 291 -6.19 12.32 22.44
C VAL B 291 -7.35 12.47 23.44
N MET B 292 -8.28 13.37 23.13
CA MET B 292 -9.43 13.58 23.94
C MET B 292 -10.31 12.34 23.81
N VAL B 293 -10.78 11.82 24.94
CA VAL B 293 -11.61 10.62 24.95
C VAL B 293 -12.97 10.80 25.67
N ASP B 294 -13.09 11.84 26.48
CA ASP B 294 -14.36 12.15 27.17
C ASP B 294 -14.51 13.66 27.44
N VAL B 295 -15.75 14.12 27.60
CA VAL B 295 -16.04 15.50 27.96
C VAL B 295 -17.22 15.52 28.93
N ASP B 296 -17.22 16.50 29.85
CA ASP B 296 -18.35 16.82 30.73
C ASP B 296 -19.33 17.63 29.87
N ARG B 297 -20.32 16.93 29.29
CA ARG B 297 -21.18 17.54 28.27
C ARG B 297 -21.87 18.79 28.80
N GLN B 298 -22.48 18.68 29.99
CA GLN B 298 -23.16 19.81 30.57
C GLN B 298 -22.20 21.00 30.71
N GLY B 299 -20.99 20.73 31.22
CA GLY B 299 -20.00 21.78 31.41
C GLY B 299 -19.66 22.45 30.09
N PHE B 300 -19.60 21.66 29.03
CA PHE B 300 -19.34 22.13 27.66
C PHE B 300 -20.46 23.07 27.16
N VAL B 301 -21.70 22.66 27.37
CA VAL B 301 -22.87 23.50 27.11
C VAL B 301 -22.86 24.79 27.95
N ASP B 302 -22.58 24.69 29.27
CA ASP B 302 -22.46 25.86 30.17
C ASP B 302 -21.43 26.88 29.66
N LEU B 303 -20.29 26.36 29.19
CA LEU B 303 -19.21 27.21 28.71
C LEU B 303 -19.74 28.00 27.51
N LEU B 304 -20.42 27.30 26.58
CA LEU B 304 -20.89 27.91 25.33
C LEU B 304 -21.95 28.92 25.63
N ALA B 305 -22.88 28.56 26.51
CA ALA B 305 -23.97 29.45 27.00
C ALA B 305 -23.48 30.67 27.79
N ASP B 306 -22.47 30.45 28.63
CA ASP B 306 -21.87 31.56 29.37
C ASP B 306 -21.04 32.55 28.46
N ARG B 307 -20.25 32.03 27.53
CA ARG B 307 -19.49 32.90 26.64
C ARG B 307 -20.35 33.65 25.63
N LEU B 308 -21.50 33.08 25.28
CA LEU B 308 -22.45 33.78 24.42
C LEU B 308 -22.94 35.10 25.03
N LYS B 309 -22.83 35.24 26.36
CA LYS B 309 -23.23 36.47 27.03
C LYS B 309 -22.33 37.62 26.65
N PHE B 310 -21.10 37.32 26.24
CA PHE B 310 -20.17 38.32 25.66
C PHE B 310 -20.81 39.24 24.58
N TYR B 311 -21.74 38.71 23.79
CA TYR B 311 -22.30 39.48 22.69
C TYR B 311 -23.56 40.25 23.11
N ALA B 312 -23.75 40.37 24.42
CA ALA B 312 -24.92 41.08 25.02
C ALA B 312 -25.23 42.43 24.40
N ALA C 3 14.02 -39.51 -19.35
CA ALA C 3 13.24 -38.26 -19.68
C ALA C 3 12.89 -37.43 -18.44
N LEU C 4 12.85 -36.12 -18.61
CA LEU C 4 12.60 -35.19 -17.50
C LEU C 4 11.11 -35.14 -17.24
N PRO C 5 10.69 -35.57 -16.03
CA PRO C 5 9.28 -35.55 -15.71
C PRO C 5 8.81 -34.10 -15.51
N ILE C 6 7.78 -33.70 -16.24
CA ILE C 6 7.26 -32.35 -16.09
C ILE C 6 5.75 -32.27 -15.91
N LEU C 7 5.35 -31.22 -15.18
CA LEU C 7 3.93 -30.88 -14.98
C LEU C 7 3.66 -29.61 -15.71
N LEU C 8 2.67 -29.63 -16.58
CA LEU C 8 2.43 -28.46 -17.42
C LEU C 8 1.13 -27.85 -16.97
N ASP C 9 1.20 -26.61 -16.51
CA ASP C 9 0.04 -25.85 -16.07
C ASP C 9 -0.10 -24.66 -16.99
N CYS C 10 -1.26 -24.49 -17.63
CA CYS C 10 -1.33 -23.54 -18.72
C CYS C 10 -2.75 -23.14 -19.04
N ASP C 11 -2.88 -22.08 -19.83
CA ASP C 11 -4.18 -21.50 -20.10
C ASP C 11 -4.35 -21.24 -21.60
N PRO C 12 -4.42 -22.31 -22.41
CA PRO C 12 -4.46 -22.13 -23.86
C PRO C 12 -5.71 -21.38 -24.39
N GLY C 13 -5.55 -20.39 -25.28
CA GLY C 13 -4.28 -19.73 -25.59
C GLY C 13 -3.48 -20.39 -26.70
N HIS C 14 -3.26 -19.64 -27.80
CA HIS C 14 -2.46 -20.13 -28.91
C HIS C 14 -1.00 -20.45 -28.56
N ASP C 15 -0.32 -19.62 -27.75
CA ASP C 15 1.08 -19.94 -27.50
C ASP C 15 1.23 -21.10 -26.53
N ASP C 16 0.33 -21.22 -25.56
CA ASP C 16 0.37 -22.41 -24.67
C ASP C 16 0.18 -23.64 -25.53
N ALA C 17 -0.75 -23.51 -26.47
CA ALA C 17 -1.05 -24.62 -27.34
C ALA C 17 0.23 -25.08 -28.08
N ILE C 18 1.01 -24.11 -28.60
CA ILE C 18 2.22 -24.39 -29.37
C ILE C 18 3.33 -24.96 -28.41
N ALA C 19 3.29 -24.52 -27.13
CA ALA C 19 4.18 -25.08 -26.11
C ALA C 19 3.86 -26.57 -25.88
N ILE C 20 2.58 -26.92 -25.96
CA ILE C 20 2.16 -28.32 -25.73
C ILE C 20 2.67 -29.14 -26.91
N VAL C 21 2.41 -28.64 -28.12
CA VAL C 21 2.95 -29.26 -29.33
C VAL C 21 4.46 -29.56 -29.25
N LEU C 22 5.24 -28.56 -28.85
CA LEU C 22 6.67 -28.73 -28.70
C LEU C 22 7.03 -29.75 -27.62
N ALA C 23 6.37 -29.68 -26.46
CA ALA C 23 6.67 -30.61 -25.38
C ALA C 23 6.44 -32.06 -25.79
N LEU C 24 5.29 -32.33 -26.41
CA LEU C 24 4.94 -33.68 -26.84
C LEU C 24 5.75 -34.20 -28.04
N ALA C 25 6.50 -33.32 -28.72
CA ALA C 25 7.42 -33.74 -29.78
C ALA C 25 8.85 -34.00 -29.27
N SER C 26 9.03 -33.92 -27.94
CA SER C 26 10.37 -33.93 -27.34
C SER C 26 10.49 -35.13 -26.40
N PRO C 27 11.18 -36.21 -26.82
CA PRO C 27 11.25 -37.41 -25.95
C PRO C 27 12.18 -37.22 -24.75
N GLU C 28 12.97 -36.15 -24.76
CA GLU C 28 13.67 -35.67 -23.56
C GLU C 28 12.70 -35.31 -22.44
N LEU C 29 11.42 -35.09 -22.77
CA LEU C 29 10.46 -34.67 -21.78
C LEU C 29 9.38 -35.72 -21.57
N ASP C 30 9.01 -35.94 -20.30
CA ASP C 30 7.91 -36.85 -19.97
C ASP C 30 6.83 -35.95 -19.34
N VAL C 31 5.80 -35.61 -20.14
CA VAL C 31 4.75 -34.75 -19.61
C VAL C 31 3.86 -35.62 -18.71
N LYS C 32 3.90 -35.40 -17.41
CA LYS C 32 3.17 -36.26 -16.46
C LYS C 32 1.71 -35.90 -16.44
N ALA C 33 1.38 -34.61 -16.57
CA ALA C 33 0.00 -34.16 -16.57
C ALA C 33 -0.10 -32.74 -17.15
N ILE C 34 -1.25 -32.38 -17.69
CA ILE C 34 -1.47 -30.98 -18.08
C ILE C 34 -2.68 -30.47 -17.30
N THR C 35 -2.53 -29.35 -16.60
CA THR C 35 -3.66 -28.76 -15.84
C THR C 35 -3.92 -27.35 -16.38
N SER C 36 -5.10 -26.85 -16.13
CA SER C 36 -5.51 -25.60 -16.78
C SER C 36 -5.64 -24.52 -15.75
N SER C 37 -5.03 -23.36 -16.04
CA SER C 37 -5.28 -22.11 -15.30
C SER C 37 -6.23 -21.27 -16.09
N ALA C 38 -6.76 -20.24 -15.44
CA ALA C 38 -7.67 -19.30 -16.08
C ALA C 38 -7.00 -17.93 -16.10
N GLY C 39 -7.01 -17.31 -17.27
CA GLY C 39 -6.45 -16.00 -17.49
C GLY C 39 -6.75 -15.63 -18.94
N ASN C 40 -6.07 -16.32 -19.89
CA ASN C 40 -6.32 -16.08 -21.34
C ASN C 40 -7.82 -16.13 -21.62
N GLN C 41 -8.49 -17.08 -20.93
CA GLN C 41 -9.94 -17.32 -21.04
C GLN C 41 -10.57 -17.79 -19.69
N THR C 42 -11.87 -18.05 -19.72
CA THR C 42 -12.56 -18.72 -18.60
C THR C 42 -12.05 -20.13 -18.35
N PRO C 43 -12.20 -20.63 -17.10
CA PRO C 43 -11.58 -21.94 -16.80
C PRO C 43 -12.23 -23.10 -17.58
N GLU C 44 -13.49 -22.95 -17.94
CA GLU C 44 -14.12 -23.93 -18.82
C GLU C 44 -13.39 -24.01 -20.15
N LYS C 45 -12.99 -22.84 -20.68
CA LYS C 45 -12.42 -22.79 -22.00
C LYS C 45 -11.00 -23.30 -22.02
N THR C 46 -10.20 -22.87 -21.04
CA THR C 46 -8.82 -23.31 -21.00
C THR C 46 -8.77 -24.83 -20.83
N LEU C 47 -9.61 -25.40 -19.96
CA LEU C 47 -9.70 -26.86 -19.80
C LEU C 47 -10.01 -27.56 -21.12
N ARG C 48 -11.10 -27.13 -21.76
CA ARG C 48 -11.47 -27.60 -23.07
C ARG C 48 -10.31 -27.56 -24.06
N ASN C 49 -9.55 -26.47 -24.06
CA ASN C 49 -8.49 -26.31 -25.06
C ASN C 49 -7.34 -27.29 -24.82
N VAL C 50 -7.04 -27.56 -23.54
CA VAL C 50 -6.06 -28.59 -23.19
C VAL C 50 -6.54 -29.95 -23.75
N LEU C 51 -7.82 -30.24 -23.58
CA LEU C 51 -8.42 -31.51 -24.08
C LEU C 51 -8.44 -31.61 -25.61
N ARG C 52 -8.74 -30.50 -26.27
CA ARG C 52 -8.66 -30.45 -27.70
C ARG C 52 -7.24 -30.67 -28.24
N MET C 53 -6.27 -29.97 -27.67
CA MET C 53 -4.88 -30.16 -28.05
C MET C 53 -4.40 -31.62 -27.91
N LEU C 54 -4.69 -32.25 -26.78
CA LEU C 54 -4.25 -33.64 -26.54
C LEU C 54 -5.02 -34.63 -27.44
N THR C 55 -6.26 -34.31 -27.76
CA THR C 55 -6.98 -35.06 -28.79
C THR C 55 -6.28 -34.94 -30.16
N LEU C 56 -5.91 -33.71 -30.53
CA LEU C 56 -5.27 -33.46 -31.81
C LEU C 56 -3.97 -34.25 -31.91
N LEU C 57 -3.19 -34.21 -30.83
CA LEU C 57 -1.83 -34.76 -30.79
C LEU C 57 -1.75 -36.22 -30.40
N ASN C 58 -2.90 -36.87 -30.32
CA ASN C 58 -2.95 -38.29 -29.98
C ASN C 58 -2.25 -38.68 -28.67
N ARG C 59 -2.39 -37.82 -27.68
CA ARG C 59 -1.92 -38.13 -26.33
C ARG C 59 -3.02 -38.00 -25.30
N THR C 60 -4.10 -38.75 -25.51
CA THR C 60 -5.20 -38.83 -24.53
C THR C 60 -4.83 -39.63 -23.30
N ASP C 61 -3.64 -40.23 -23.31
CA ASP C 61 -3.06 -40.93 -22.14
C ASP C 61 -2.53 -40.00 -21.02
N ILE C 62 -2.28 -38.74 -21.36
CA ILE C 62 -1.78 -37.76 -20.36
C ILE C 62 -2.99 -37.28 -19.53
N PRO C 63 -2.92 -37.42 -18.20
CA PRO C 63 -4.01 -36.94 -17.33
C PRO C 63 -4.17 -35.41 -17.31
N VAL C 64 -5.42 -34.97 -17.36
CA VAL C 64 -5.77 -33.55 -17.41
C VAL C 64 -6.75 -33.23 -16.28
N ALA C 65 -6.56 -32.08 -15.62
CA ALA C 65 -7.52 -31.61 -14.59
C ALA C 65 -7.72 -30.08 -14.70
N GLY C 66 -8.92 -29.60 -14.39
CA GLY C 66 -9.15 -28.15 -14.39
C GLY C 66 -8.75 -27.59 -13.03
N GLY C 67 -8.14 -26.42 -13.02
CA GLY C 67 -7.72 -25.82 -11.74
C GLY C 67 -8.62 -24.69 -11.27
N ALA C 68 -8.00 -23.77 -10.54
CA ALA C 68 -8.67 -22.67 -9.88
C ALA C 68 -9.51 -21.88 -10.87
N VAL C 69 -10.69 -21.44 -10.44
CA VAL C 69 -11.61 -20.71 -11.33
C VAL C 69 -11.40 -19.21 -11.26
N LYS C 70 -10.49 -18.74 -10.40
CA LYS C 70 -10.23 -17.28 -10.38
C LYS C 70 -8.93 -17.05 -9.64
N PRO C 71 -8.35 -15.83 -9.74
CA PRO C 71 -7.12 -15.60 -8.95
C PRO C 71 -7.37 -15.78 -7.44
N LEU C 72 -6.32 -15.95 -6.66
CA LEU C 72 -6.43 -16.06 -5.20
C LEU C 72 -7.22 -14.98 -4.51
N MET C 73 -7.02 -13.71 -4.88
CA MET C 73 -7.67 -12.60 -4.17
C MET C 73 -8.28 -11.55 -5.08
N ARG C 74 -8.46 -11.89 -6.34
CA ARG C 74 -8.89 -10.91 -7.30
C ARG C 74 -9.89 -11.59 -8.19
N GLU C 75 -10.63 -10.77 -8.93
CA GLU C 75 -11.47 -11.23 -10.00
C GLU C 75 -10.66 -11.62 -11.24
N LEU C 76 -11.22 -12.56 -11.98
CA LEU C 76 -10.68 -12.96 -13.26
C LEU C 76 -10.78 -11.82 -14.30
N GLY C 87 -10.44 -19.53 -27.27
CA GLY C 87 -9.07 -19.18 -26.85
C GLY C 87 -7.98 -19.70 -27.80
N LEU C 88 -8.40 -20.41 -28.86
CA LEU C 88 -7.51 -21.03 -29.85
C LEU C 88 -8.15 -20.90 -31.22
N ASP C 89 -8.62 -19.70 -31.54
CA ASP C 89 -9.33 -19.48 -32.80
C ASP C 89 -8.37 -19.59 -34.01
N GLY C 90 -8.93 -19.77 -35.20
CA GLY C 90 -8.15 -19.90 -36.43
C GLY C 90 -8.34 -21.28 -37.06
N PRO C 91 -7.47 -22.25 -36.69
CA PRO C 91 -7.55 -23.60 -37.26
C PRO C 91 -8.75 -24.40 -36.75
N ALA C 92 -9.26 -25.33 -37.56
CA ALA C 92 -10.20 -26.32 -37.06
C ALA C 92 -9.45 -27.32 -36.13
N LEU C 93 -9.88 -27.35 -34.87
CA LEU C 93 -9.35 -28.30 -33.88
C LEU C 93 -10.38 -29.39 -33.61
N PRO C 94 -9.92 -30.59 -33.20
CA PRO C 94 -10.89 -31.67 -32.95
C PRO C 94 -11.65 -31.42 -31.64
N GLU C 95 -12.88 -31.91 -31.56
CA GLU C 95 -13.62 -31.95 -30.28
C GLU C 95 -12.89 -32.94 -29.38
N PRO C 96 -12.89 -32.71 -28.05
CA PRO C 96 -12.27 -33.69 -27.14
C PRO C 96 -12.91 -35.07 -27.20
N THR C 97 -12.05 -36.10 -27.27
CA THR C 97 -12.50 -37.49 -27.30
C THR C 97 -12.32 -38.19 -25.96
N PHE C 98 -11.82 -37.46 -24.96
CA PHE C 98 -11.61 -37.98 -23.62
C PHE C 98 -11.96 -36.91 -22.57
N ALA C 99 -11.97 -37.34 -21.31
CA ALA C 99 -12.46 -36.57 -20.17
C ALA C 99 -11.32 -36.19 -19.24
N PRO C 100 -11.41 -35.01 -18.60
CA PRO C 100 -10.39 -34.69 -17.60
C PRO C 100 -10.53 -35.64 -16.41
N GLN C 101 -9.51 -35.72 -15.57
CA GLN C 101 -9.57 -36.55 -14.38
C GLN C 101 -10.57 -35.93 -13.42
N ASN C 102 -11.15 -36.78 -12.57
CA ASN C 102 -12.13 -36.33 -11.58
C ASN C 102 -11.40 -35.79 -10.34
N CYS C 103 -10.70 -34.68 -10.51
CA CYS C 103 -10.05 -33.97 -9.43
C CYS C 103 -9.67 -32.59 -9.93
N THR C 104 -9.11 -31.77 -9.04
CA THR C 104 -8.67 -30.44 -9.38
C THR C 104 -7.22 -30.52 -9.81
N ALA C 105 -6.72 -29.42 -10.41
CA ALA C 105 -5.36 -29.29 -10.84
C ALA C 105 -4.40 -29.48 -9.68
N VAL C 106 -4.64 -28.79 -8.56
CA VAL C 106 -3.75 -28.97 -7.38
C VAL C 106 -3.68 -30.43 -6.95
N GLU C 107 -4.82 -31.13 -6.94
CA GLU C 107 -4.86 -32.57 -6.60
C GLU C 107 -4.01 -33.44 -7.55
N LEU C 108 -4.12 -33.19 -8.84
CA LEU C 108 -3.40 -33.99 -9.83
C LEU C 108 -1.92 -33.68 -9.76
N MET C 109 -1.59 -32.41 -9.52
CA MET C 109 -0.19 -32.02 -9.32
C MET C 109 0.42 -32.73 -8.09
N ALA C 110 -0.28 -32.66 -6.95
CA ALA C 110 0.15 -33.29 -5.67
C ALA C 110 0.32 -34.76 -5.87
N LYS C 111 -0.70 -35.39 -6.48
CA LYS C 111 -0.70 -36.83 -6.74
C LYS C 111 0.56 -37.21 -7.56
N THR C 112 0.84 -36.45 -8.63
CA THR C 112 2.00 -36.64 -9.46
C THR C 112 3.32 -36.55 -8.70
N LEU C 113 3.44 -35.55 -7.84
CA LEU C 113 4.64 -35.36 -7.04
C LEU C 113 4.80 -36.52 -6.07
N ARG C 114 3.72 -36.89 -5.39
CA ARG C 114 3.72 -37.94 -4.36
C ARG C 114 4.25 -39.21 -4.94
N GLU C 115 3.75 -39.56 -6.14
CA GLU C 115 4.10 -40.85 -6.74
C GLU C 115 5.31 -40.84 -7.68
N SER C 116 5.89 -39.66 -7.90
CA SER C 116 7.16 -39.59 -8.64
C SER C 116 8.33 -40.09 -7.78
N ALA C 117 9.28 -40.78 -8.41
CA ALA C 117 10.47 -41.26 -7.72
C ALA C 117 11.59 -40.23 -7.72
N GLU C 118 11.48 -39.24 -8.60
CA GLU C 118 12.46 -38.15 -8.63
C GLU C 118 11.78 -36.78 -8.80
N PRO C 119 12.50 -35.69 -8.49
CA PRO C 119 11.84 -34.38 -8.57
C PRO C 119 11.23 -34.06 -9.96
N VAL C 120 10.11 -33.33 -9.93
CA VAL C 120 9.33 -33.00 -11.11
C VAL C 120 9.52 -31.56 -11.42
N THR C 121 9.65 -31.25 -12.72
CA THR C 121 9.72 -29.84 -13.12
C THR C 121 8.31 -29.28 -13.45
N ILE C 122 7.95 -28.16 -12.83
CA ILE C 122 6.68 -27.50 -13.11
C ILE C 122 6.88 -26.37 -14.12
N VAL C 123 6.09 -26.40 -15.20
CA VAL C 123 6.12 -25.34 -16.22
C VAL C 123 4.77 -24.70 -16.18
N SER C 124 4.71 -23.44 -15.75
CA SER C 124 3.42 -22.76 -15.67
C SER C 124 3.41 -21.49 -16.56
N THR C 125 2.57 -21.56 -17.59
CA THR C 125 2.58 -20.55 -18.62
C THR C 125 1.26 -19.75 -18.65
N GLY C 126 0.47 -19.88 -17.58
CA GLY C 126 -0.71 -19.02 -17.33
C GLY C 126 -0.42 -18.25 -16.03
N PRO C 127 -1.46 -17.65 -15.41
CA PRO C 127 -1.26 -17.09 -14.10
C PRO C 127 -0.81 -18.16 -13.12
N GLN C 128 -0.10 -17.79 -12.06
CA GLN C 128 0.49 -18.77 -11.13
C GLN C 128 -0.46 -19.35 -10.05
N THR C 129 -1.75 -19.06 -10.15
CA THR C 129 -2.79 -19.49 -9.21
C THR C 129 -2.68 -20.97 -8.69
N ASN C 130 -2.61 -21.95 -9.60
CA ASN C 130 -2.63 -23.36 -9.19
C ASN C 130 -1.30 -23.72 -8.51
N VAL C 131 -0.21 -23.17 -9.05
CA VAL C 131 1.12 -23.44 -8.52
C VAL C 131 1.18 -22.85 -7.07
N ALA C 132 0.75 -21.60 -6.88
CA ALA C 132 0.69 -21.03 -5.51
C ALA C 132 -0.15 -21.88 -4.54
N LEU C 133 -1.31 -22.34 -4.99
CA LEU C 133 -2.14 -23.25 -4.22
C LEU C 133 -1.41 -24.53 -3.85
N LEU C 134 -0.77 -25.15 -4.82
CA LEU C 134 0.05 -26.34 -4.55
C LEU C 134 1.14 -26.05 -3.47
N LEU C 135 1.82 -24.92 -3.64
CA LEU C 135 2.97 -24.62 -2.78
C LEU C 135 2.54 -24.45 -1.36
N ASN C 136 1.47 -23.65 -1.18
CA ASN C 136 0.97 -23.34 0.17
C ASN C 136 0.29 -24.55 0.83
N SER C 137 -0.41 -25.36 0.08
CA SER C 137 -1.11 -26.46 0.69
C SER C 137 -0.32 -27.76 0.74
N HIS C 138 0.81 -27.80 0.06
CA HIS C 138 1.64 -29.02 0.11
C HIS C 138 3.12 -28.70 0.42
N PRO C 139 3.39 -28.14 1.59
CA PRO C 139 4.78 -27.86 1.88
C PRO C 139 5.64 -29.14 2.04
N GLU C 140 5.02 -30.28 2.31
CA GLU C 140 5.78 -31.57 2.41
C GLU C 140 6.20 -32.10 1.03
N LEU C 141 5.73 -31.45 -0.05
CA LEU C 141 6.08 -31.92 -1.40
C LEU C 141 7.06 -31.00 -2.07
N HIS C 142 7.49 -29.92 -1.40
CA HIS C 142 8.41 -28.98 -2.04
C HIS C 142 9.66 -29.72 -2.51
N SER C 143 10.07 -30.73 -1.74
CA SER C 143 11.26 -31.50 -2.08
C SER C 143 11.11 -32.31 -3.38
N LYS C 144 9.88 -32.43 -3.87
CA LYS C 144 9.62 -33.22 -5.08
C LYS C 144 9.52 -32.30 -6.33
N ILE C 145 9.75 -30.99 -6.11
CA ILE C 145 9.71 -30.01 -7.19
C ILE C 145 11.12 -29.54 -7.51
N ALA C 146 11.65 -29.94 -8.65
CA ALA C 146 13.02 -29.53 -9.04
C ALA C 146 13.13 -28.01 -9.23
N ARG C 147 12.15 -27.42 -9.95
CA ARG C 147 12.13 -26.01 -10.27
C ARG C 147 10.80 -25.67 -10.91
N ILE C 148 10.47 -24.39 -10.96
CA ILE C 148 9.21 -23.90 -11.60
C ILE C 148 9.64 -22.95 -12.72
N VAL C 149 9.31 -23.31 -13.96
CA VAL C 149 9.69 -22.53 -15.11
C VAL C 149 8.41 -21.81 -15.57
N ILE C 150 8.42 -20.47 -15.59
CA ILE C 150 7.22 -19.72 -15.84
C ILE C 150 7.33 -18.90 -17.14
N MET C 151 6.20 -18.63 -17.79
CA MET C 151 6.19 -17.53 -18.77
C MET C 151 5.42 -16.48 -18.02
N GLY C 152 6.12 -15.41 -17.66
CA GLY C 152 5.46 -14.23 -17.09
C GLY C 152 6.44 -13.13 -16.69
N GLY C 153 5.93 -11.91 -16.54
CA GLY C 153 6.72 -10.81 -16.01
C GLY C 153 7.46 -10.09 -17.10
N ALA C 154 8.15 -9.01 -16.72
CA ALA C 154 8.95 -8.19 -17.63
C ALA C 154 9.89 -7.41 -16.73
N MET C 155 11.19 -7.46 -17.01
CA MET C 155 12.15 -6.60 -16.32
C MET C 155 11.90 -5.17 -16.79
N GLY C 156 11.66 -5.02 -18.08
CA GLY C 156 11.28 -3.73 -18.66
C GLY C 156 9.79 -3.54 -18.68
N LEU C 157 9.30 -2.82 -19.70
CA LEU C 157 7.90 -2.36 -19.76
C LEU C 157 6.91 -3.52 -19.85
N GLY C 158 5.73 -3.35 -19.27
CA GLY C 158 4.73 -4.44 -19.24
C GLY C 158 3.94 -4.47 -20.56
N ASN C 159 3.19 -5.56 -20.80
CA ASN C 159 2.26 -5.57 -21.96
C ASN C 159 0.79 -5.41 -21.58
N TRP C 160 0.52 -5.26 -20.28
CA TRP C 160 -0.86 -5.23 -19.83
C TRP C 160 -1.21 -3.91 -19.17
N THR C 161 -0.41 -3.54 -18.18
CA THR C 161 -0.34 -2.16 -17.64
C THR C 161 1.08 -1.67 -17.94
N PRO C 162 1.38 -0.36 -17.77
CA PRO C 162 2.76 0.12 -17.99
C PRO C 162 3.84 -0.72 -17.31
N ALA C 163 3.55 -1.19 -16.10
CA ALA C 163 4.57 -1.84 -15.28
C ALA C 163 4.45 -3.35 -15.31
N ALA C 164 3.34 -3.86 -15.80
CA ALA C 164 3.09 -5.29 -15.57
C ALA C 164 2.74 -6.14 -16.81
N GLU C 165 3.26 -7.36 -16.84
CA GLU C 165 2.91 -8.34 -17.86
C GLU C 165 1.61 -9.05 -17.41
N PHE C 166 0.81 -9.47 -18.39
CA PHE C 166 -0.51 -10.07 -18.11
C PHE C 166 -0.60 -11.18 -17.04
N ASN C 167 0.14 -12.26 -17.23
CA ASN C 167 0.04 -13.44 -16.39
C ASN C 167 0.26 -13.09 -14.96
N ILE C 168 1.24 -12.22 -14.72
CA ILE C 168 1.55 -11.81 -13.36
C ILE C 168 0.46 -10.86 -12.82
N TYR C 169 0.03 -9.93 -13.65
CA TYR C 169 -1.00 -8.97 -13.23
C TYR C 169 -2.33 -9.66 -12.84
N VAL C 170 -2.67 -10.77 -13.50
CA VAL C 170 -3.92 -11.50 -13.26
C VAL C 170 -3.94 -12.04 -11.81
N ASP C 171 -2.77 -12.44 -11.28
CA ASP C 171 -2.71 -12.96 -9.95
C ASP C 171 -1.33 -12.66 -9.37
N PRO C 172 -1.13 -11.41 -8.94
CA PRO C 172 0.16 -10.98 -8.46
C PRO C 172 0.51 -11.75 -7.20
N GLU C 173 -0.49 -12.06 -6.36
CA GLU C 173 -0.26 -12.73 -5.08
C GLU C 173 0.25 -14.12 -5.32
N ALA C 174 -0.41 -14.90 -6.20
CA ALA C 174 0.14 -16.23 -6.62
C ALA C 174 1.57 -16.21 -7.16
N ALA C 175 1.86 -15.24 -8.05
CA ALA C 175 3.24 -15.10 -8.54
C ALA C 175 4.24 -14.81 -7.42
N GLU C 176 3.90 -13.90 -6.50
CA GLU C 176 4.82 -13.57 -5.36
C GLU C 176 5.00 -14.77 -4.44
N ILE C 177 3.94 -15.55 -4.24
CA ILE C 177 4.07 -16.85 -3.54
C ILE C 177 5.09 -17.77 -4.20
N VAL C 178 4.96 -17.95 -5.51
CA VAL C 178 5.96 -18.78 -6.26
C VAL C 178 7.39 -18.27 -6.05
N PHE C 179 7.59 -16.97 -6.25
CA PHE C 179 8.93 -16.40 -6.20
C PHE C 179 9.52 -16.42 -4.78
N GLN C 180 8.67 -16.33 -3.75
CA GLN C 180 9.14 -16.31 -2.36
C GLN C 180 9.20 -17.73 -1.75
N SER C 181 8.85 -18.76 -2.56
CA SER C 181 8.68 -20.13 -2.06
C SER C 181 9.95 -20.84 -1.58
N GLY C 182 11.10 -20.49 -2.16
CA GLY C 182 12.38 -21.19 -1.90
C GLY C 182 12.73 -22.27 -2.94
N ILE C 183 11.79 -22.54 -3.84
CA ILE C 183 11.98 -23.45 -4.98
C ILE C 183 12.55 -22.64 -6.14
N PRO C 184 13.60 -23.17 -6.83
CA PRO C 184 14.22 -22.39 -7.90
C PRO C 184 13.20 -22.01 -8.95
N VAL C 185 13.21 -20.75 -9.38
CA VAL C 185 12.27 -20.28 -10.42
C VAL C 185 13.05 -19.89 -11.66
N VAL C 186 12.53 -20.22 -12.82
CA VAL C 186 13.12 -19.76 -14.08
C VAL C 186 12.00 -18.94 -14.75
N MET C 187 12.37 -17.76 -15.24
CA MET C 187 11.41 -16.77 -15.71
C MET C 187 11.66 -16.44 -17.16
N ALA C 188 10.66 -16.74 -17.97
CA ALA C 188 10.65 -16.33 -19.33
C ALA C 188 9.71 -15.14 -19.41
N GLY C 189 10.22 -13.94 -19.16
CA GLY C 189 9.39 -12.75 -19.26
C GLY C 189 9.46 -12.09 -20.64
N LEU C 190 8.80 -10.93 -20.76
CA LEU C 190 8.80 -10.21 -22.02
C LEU C 190 10.15 -9.83 -22.57
N ASP C 191 11.15 -9.70 -21.70
CA ASP C 191 12.51 -9.37 -22.13
C ASP C 191 13.01 -10.41 -23.15
N VAL C 192 12.75 -11.69 -22.89
CA VAL C 192 13.19 -12.71 -23.82
C VAL C 192 12.06 -13.02 -24.80
N THR C 193 10.82 -13.12 -24.33
CA THR C 193 9.75 -13.53 -25.28
C THR C 193 9.54 -12.55 -26.46
N HIS C 194 9.84 -11.27 -26.25
CA HIS C 194 9.64 -10.28 -27.30
C HIS C 194 10.76 -10.35 -28.32
N LYS C 195 11.87 -11.00 -27.94
CA LYS C 195 12.95 -11.30 -28.88
C LYS C 195 12.66 -12.59 -29.66
N ALA C 196 11.79 -13.46 -29.12
CA ALA C 196 11.50 -14.76 -29.71
C ALA C 196 10.37 -14.65 -30.74
N GLN C 197 10.57 -13.81 -31.74
CA GLN C 197 9.56 -13.53 -32.75
C GLN C 197 9.59 -14.53 -33.91
N ILE C 198 8.41 -14.78 -34.44
CA ILE C 198 8.24 -15.67 -35.56
C ILE C 198 7.86 -14.74 -36.72
N HIS C 199 8.71 -14.70 -37.76
CA HIS C 199 8.52 -13.81 -38.89
C HIS C 199 7.65 -14.53 -39.89
N VAL C 200 7.10 -13.79 -40.85
CA VAL C 200 6.22 -14.39 -41.86
C VAL C 200 6.88 -15.59 -42.55
N GLU C 201 8.17 -15.46 -42.82
CA GLU C 201 8.98 -16.52 -43.45
C GLU C 201 9.06 -17.77 -42.61
N ASP C 202 9.15 -17.60 -41.30
CA ASP C 202 9.18 -18.71 -40.35
C ASP C 202 7.85 -19.46 -40.40
N THR C 203 6.74 -18.71 -40.48
CA THR C 203 5.39 -19.29 -40.48
C THR C 203 5.21 -20.11 -41.74
N GLU C 204 5.79 -19.60 -42.81
CA GLU C 204 5.77 -20.32 -44.10
C GLU C 204 6.63 -21.61 -44.07
N ARG C 205 7.79 -21.54 -43.44
CA ARG C 205 8.62 -22.71 -43.13
C ARG C 205 7.81 -23.76 -42.40
N PHE C 206 7.22 -23.40 -41.25
CA PHE C 206 6.37 -24.33 -40.46
C PHE C 206 5.32 -24.96 -41.37
N ARG C 207 4.65 -24.12 -42.17
CA ARG C 207 3.55 -24.57 -43.00
C ARG C 207 4.01 -25.55 -44.08
N ALA C 208 5.25 -25.36 -44.54
CA ALA C 208 5.83 -26.22 -45.58
C ALA C 208 6.27 -27.60 -45.07
N ILE C 209 6.26 -27.80 -43.74
CA ILE C 209 6.68 -29.08 -43.13
C ILE C 209 5.70 -30.22 -43.53
N GLY C 210 4.43 -29.85 -43.71
CA GLY C 210 3.48 -30.75 -44.41
C GLY C 210 2.87 -31.87 -43.60
N ASN C 211 2.54 -31.60 -42.34
CA ASN C 211 1.71 -32.51 -41.57
C ASN C 211 0.59 -31.70 -40.86
N PRO C 212 -0.47 -32.38 -40.38
CA PRO C 212 -1.62 -31.68 -39.83
C PRO C 212 -1.25 -30.76 -38.66
N VAL C 213 -0.22 -31.12 -37.92
CA VAL C 213 0.15 -30.38 -36.74
C VAL C 213 0.91 -29.08 -37.14
N SER C 214 1.88 -29.20 -38.05
CA SER C 214 2.65 -28.02 -38.46
C SER C 214 1.72 -27.06 -39.17
N THR C 215 0.73 -27.62 -39.86
CA THR C 215 -0.32 -26.81 -40.46
C THR C 215 -1.11 -26.00 -39.41
N ILE C 216 -1.51 -26.65 -38.30
CA ILE C 216 -2.28 -26.02 -37.22
C ILE C 216 -1.40 -24.92 -36.62
N VAL C 217 -0.16 -25.27 -36.24
CA VAL C 217 0.79 -24.32 -35.67
C VAL C 217 0.97 -23.08 -36.55
N ALA C 218 1.08 -23.28 -37.86
CA ALA C 218 1.18 -22.15 -38.79
C ALA C 218 -0.08 -21.24 -38.81
N GLU C 219 -1.27 -21.87 -38.88
CA GLU C 219 -2.56 -21.16 -38.91
C GLU C 219 -2.77 -20.32 -37.62
N LEU C 220 -2.17 -20.76 -36.50
CA LEU C 220 -2.18 -19.94 -35.31
C LEU C 220 -1.31 -18.65 -35.49
N LEU C 221 0.00 -18.80 -35.67
CA LEU C 221 0.93 -17.66 -35.88
C LEU C 221 0.58 -16.74 -37.07
N ASP C 222 -0.18 -17.27 -38.02
CA ASP C 222 -0.71 -16.45 -39.13
C ASP C 222 -1.50 -15.26 -38.62
N PHE C 223 -2.35 -15.50 -37.63
CA PHE C 223 -2.99 -14.43 -36.91
C PHE C 223 -2.41 -14.25 -35.52
N GLU C 231 1.18 -3.50 -32.38
CA GLU C 231 1.43 -2.62 -33.54
C GLU C 231 2.35 -1.44 -33.17
N LYS C 232 2.15 -0.90 -31.96
CA LYS C 232 2.94 0.20 -31.36
C LYS C 232 4.29 -0.29 -30.84
N TRP C 233 4.37 -1.59 -30.60
CA TRP C 233 5.59 -2.25 -30.19
C TRP C 233 6.66 -2.31 -31.28
N GLY C 234 6.21 -2.27 -32.54
CA GLY C 234 7.11 -2.34 -33.70
C GLY C 234 7.85 -3.66 -33.82
N PHE C 235 7.16 -4.77 -33.56
CA PHE C 235 7.74 -6.09 -33.76
C PHE C 235 7.84 -6.34 -35.28
N VAL C 236 8.92 -7.02 -35.66
CA VAL C 236 9.10 -7.51 -37.03
C VAL C 236 8.20 -8.72 -37.33
N GLY C 237 8.02 -9.60 -36.39
CA GLY C 237 6.97 -10.65 -36.48
C GLY C 237 6.40 -10.85 -35.10
N ALA C 238 5.57 -11.87 -34.91
CA ALA C 238 4.88 -12.04 -33.63
C ALA C 238 5.74 -12.78 -32.60
N PRO C 239 5.88 -12.21 -31.37
CA PRO C 239 6.52 -12.95 -30.25
C PRO C 239 5.78 -14.24 -29.92
N LEU C 240 6.56 -15.28 -29.63
CA LEU C 240 6.01 -16.58 -29.24
C LEU C 240 6.42 -16.81 -27.81
N HIS C 241 5.50 -16.57 -26.88
CA HIS C 241 5.84 -16.47 -25.48
C HIS C 241 6.03 -17.83 -24.80
N ASP C 242 4.96 -18.61 -24.68
CA ASP C 242 4.99 -19.81 -23.84
C ASP C 242 5.97 -20.89 -24.27
N PRO C 243 6.10 -21.14 -25.58
CA PRO C 243 7.13 -22.15 -26.00
C PRO C 243 8.59 -21.88 -25.55
N CYS C 244 8.92 -20.65 -25.10
CA CYS C 244 10.25 -20.36 -24.56
C CYS C 244 10.56 -21.17 -23.30
N THR C 245 9.56 -21.44 -22.47
CA THR C 245 9.74 -22.31 -21.28
C THR C 245 10.21 -23.70 -21.65
N ILE C 246 9.52 -24.29 -22.64
CA ILE C 246 9.85 -25.61 -23.12
C ILE C 246 11.16 -25.63 -23.86
N ALA C 247 11.36 -24.64 -24.74
CA ALA C 247 12.65 -24.48 -25.39
C ALA C 247 13.86 -24.39 -24.43
N TRP C 248 13.70 -23.68 -23.29
CA TRP C 248 14.81 -23.47 -22.35
C TRP C 248 15.14 -24.82 -21.66
N LEU C 249 14.13 -25.66 -21.49
CA LEU C 249 14.33 -26.97 -20.93
C LEU C 249 15.07 -27.88 -21.89
N LEU C 250 14.76 -27.75 -23.19
CA LEU C 250 15.35 -28.58 -24.25
C LEU C 250 16.75 -28.11 -24.63
N LYS C 251 16.91 -26.79 -24.81
CA LYS C 251 18.17 -26.19 -25.29
C LYS C 251 18.47 -24.88 -24.55
N PRO C 252 18.87 -24.99 -23.27
CA PRO C 252 19.17 -23.81 -22.51
C PRO C 252 20.26 -22.94 -23.14
N GLU C 253 21.15 -23.56 -23.91
CA GLU C 253 22.23 -22.85 -24.59
C GLU C 253 21.71 -21.85 -25.67
N LEU C 254 20.46 -21.97 -26.08
CA LEU C 254 19.81 -20.95 -26.92
C LEU C 254 19.60 -19.62 -26.20
N PHE C 255 19.56 -19.68 -24.88
CA PHE C 255 19.22 -18.52 -24.01
C PHE C 255 20.41 -17.92 -23.24
N THR C 256 20.28 -16.63 -22.97
CA THR C 256 21.15 -15.96 -22.01
C THR C 256 20.27 -15.66 -20.83
N SER C 257 20.77 -15.96 -19.65
CA SER C 257 20.00 -15.69 -18.46
C SER C 257 20.92 -15.21 -17.32
N VAL C 258 20.31 -14.56 -16.33
CA VAL C 258 20.98 -14.05 -15.14
C VAL C 258 20.28 -14.53 -13.89
N GLU C 259 21.05 -14.75 -12.83
CA GLU C 259 20.55 -15.20 -11.54
C GLU C 259 20.35 -13.94 -10.70
N ARG C 260 19.10 -13.53 -10.44
CA ARG C 260 18.82 -12.25 -9.77
C ARG C 260 17.67 -12.39 -8.80
N TRP C 261 17.50 -11.43 -7.91
CA TRP C 261 16.32 -11.43 -7.03
C TRP C 261 15.13 -10.80 -7.77
N VAL C 262 13.97 -11.42 -7.66
CA VAL C 262 12.76 -10.92 -8.32
C VAL C 262 11.63 -10.81 -7.25
N GLY C 263 11.07 -9.63 -7.08
CA GLY C 263 9.90 -9.51 -6.16
C GLY C 263 8.65 -9.13 -6.95
N VAL C 264 7.44 -9.55 -6.61
CA VAL C 264 6.23 -9.16 -7.37
C VAL C 264 5.43 -8.19 -6.55
N GLU C 265 5.13 -7.04 -7.14
CA GLU C 265 4.45 -5.96 -6.46
C GLU C 265 2.99 -6.38 -6.32
N THR C 266 2.48 -6.36 -5.11
CA THR C 266 1.10 -6.72 -4.89
C THR C 266 0.35 -5.57 -4.22
N GLN C 267 1.01 -4.45 -3.92
CA GLN C 267 0.36 -3.27 -3.22
C GLN C 267 0.40 -1.91 -3.93
N GLY C 268 1.18 -1.76 -4.97
CA GLY C 268 1.37 -0.41 -5.47
C GLY C 268 0.12 0.22 -6.00
N LYS C 269 0.06 1.56 -5.98
CA LYS C 269 -1.01 2.28 -6.68
C LYS C 269 -0.98 2.10 -8.23
N TYR C 270 0.24 2.02 -8.83
CA TYR C 270 0.41 2.02 -10.29
C TYR C 270 1.15 0.78 -10.78
N THR C 271 1.59 -0.06 -9.85
CA THR C 271 2.54 -1.07 -10.16
C THR C 271 2.12 -2.45 -9.71
N GLN C 272 0.83 -2.68 -9.44
CA GLN C 272 0.41 -4.09 -9.12
C GLN C 272 0.78 -5.04 -10.26
N GLY C 273 1.41 -6.17 -9.92
CA GLY C 273 1.82 -7.15 -10.94
C GLY C 273 3.19 -6.99 -11.56
N MET C 274 3.91 -5.94 -11.19
CA MET C 274 5.25 -5.73 -11.73
C MET C 274 6.17 -6.76 -11.12
N THR C 275 6.98 -7.40 -11.98
CA THR C 275 8.14 -8.18 -11.50
C THR C 275 9.35 -7.23 -11.36
N VAL C 276 9.76 -6.96 -10.11
CA VAL C 276 10.85 -6.08 -9.83
C VAL C 276 12.11 -6.96 -9.82
N VAL C 277 12.96 -6.77 -10.84
CA VAL C 277 14.15 -7.58 -10.98
C VAL C 277 15.32 -6.77 -10.55
N ASP C 278 16.08 -7.26 -9.53
CA ASP C 278 17.23 -6.55 -8.98
C ASP C 278 18.46 -6.86 -9.80
N TYR C 279 18.43 -6.33 -11.03
CA TYR C 279 19.45 -6.59 -12.03
C TYR C 279 20.84 -6.06 -11.66
N TYR C 280 20.89 -4.93 -10.96
CA TYR C 280 22.17 -4.35 -10.58
C TYR C 280 22.59 -4.52 -9.14
N TYR C 281 21.98 -5.48 -8.43
CA TYR C 281 22.31 -5.82 -7.05
C TYR C 281 22.21 -4.64 -6.11
N LEU C 282 21.05 -3.99 -6.12
CA LEU C 282 20.87 -2.81 -5.27
C LEU C 282 20.21 -3.15 -3.96
N THR C 283 19.59 -4.33 -3.84
CA THR C 283 18.93 -4.72 -2.58
C THR C 283 19.86 -5.66 -1.78
N GLY C 284 19.47 -6.01 -0.56
CA GLY C 284 20.19 -7.08 0.14
C GLY C 284 19.90 -8.48 -0.40
N ASN C 285 18.84 -8.60 -1.21
CA ASN C 285 18.11 -9.85 -1.42
C ASN C 285 18.86 -10.95 -2.16
N LYS C 286 18.82 -12.15 -1.59
CA LYS C 286 19.34 -13.34 -2.22
C LYS C 286 18.61 -13.60 -3.55
N PRO C 287 19.34 -13.77 -4.65
CA PRO C 287 18.65 -14.19 -5.89
C PRO C 287 17.72 -15.38 -5.68
N ASN C 288 16.55 -15.32 -6.29
CA ASN C 288 15.56 -16.37 -6.19
C ASN C 288 15.13 -16.89 -7.59
N ALA C 289 15.78 -16.41 -8.65
CA ALA C 289 15.28 -16.65 -10.01
C ALA C 289 16.37 -16.64 -11.07
N THR C 290 16.19 -17.46 -12.09
CA THR C 290 16.96 -17.42 -13.31
C THR C 290 16.08 -16.66 -14.33
N VAL C 291 16.57 -15.52 -14.78
CA VAL C 291 15.75 -14.61 -15.60
C VAL C 291 16.37 -14.59 -16.99
N MET C 292 15.58 -15.05 -17.95
CA MET C 292 16.01 -15.15 -19.35
C MET C 292 15.99 -13.74 -19.88
N VAL C 293 17.04 -13.35 -20.58
CA VAL C 293 17.17 -11.95 -21.02
C VAL C 293 17.44 -11.85 -22.53
N ASP C 294 17.86 -12.97 -23.12
CA ASP C 294 18.12 -13.05 -24.60
C ASP C 294 17.92 -14.47 -25.12
N VAL C 295 17.76 -14.57 -26.44
CA VAL C 295 17.58 -15.84 -27.11
C VAL C 295 18.19 -15.72 -28.49
N ASP C 296 18.76 -16.82 -28.98
CA ASP C 296 19.15 -17.00 -30.39
C ASP C 296 17.86 -17.30 -31.21
N ARG C 297 17.27 -16.27 -31.80
CA ARG C 297 15.93 -16.41 -32.36
C ARG C 297 15.92 -17.48 -33.43
N GLN C 298 16.89 -17.42 -34.34
CA GLN C 298 16.94 -18.41 -35.41
C GLN C 298 17.03 -19.82 -34.82
N GLY C 299 17.88 -20.01 -33.82
CA GLY C 299 17.99 -21.31 -33.17
C GLY C 299 16.69 -21.78 -32.53
N PHE C 300 15.95 -20.84 -31.94
CA PHE C 300 14.58 -21.06 -31.45
C PHE C 300 13.62 -21.50 -32.55
N VAL C 301 13.65 -20.80 -33.66
CA VAL C 301 12.87 -21.19 -34.83
C VAL C 301 13.29 -22.56 -35.37
N ASP C 302 14.59 -22.84 -35.37
CA ASP C 302 15.08 -24.15 -35.86
C ASP C 302 14.63 -25.32 -34.99
N LEU C 303 14.62 -25.10 -33.69
CA LEU C 303 14.09 -26.07 -32.72
C LEU C 303 12.63 -26.44 -33.00
N LEU C 304 11.78 -25.43 -33.14
CA LEU C 304 10.40 -25.62 -33.51
C LEU C 304 10.18 -26.38 -34.80
N ALA C 305 10.88 -25.99 -35.87
CA ALA C 305 10.72 -26.65 -37.17
C ALA C 305 11.18 -28.09 -37.09
N ASP C 306 12.32 -28.28 -36.43
CA ASP C 306 12.88 -29.58 -36.23
C ASP C 306 11.93 -30.52 -35.47
N ARG C 307 11.36 -30.02 -34.36
CA ARG C 307 10.45 -30.82 -33.55
C ARG C 307 9.10 -31.03 -34.24
N LEU C 308 8.66 -30.10 -35.06
CA LEU C 308 7.42 -30.29 -35.81
C LEU C 308 7.47 -31.54 -36.68
N LYS C 309 8.68 -31.98 -37.09
CA LYS C 309 8.81 -33.19 -37.97
C LYS C 309 8.32 -34.45 -37.24
N PHE C 310 8.29 -34.42 -35.91
CA PHE C 310 7.82 -35.53 -35.06
C PHE C 310 6.42 -35.99 -35.52
N TYR C 311 5.60 -35.05 -36.00
CA TYR C 311 4.21 -35.38 -36.35
C TYR C 311 4.05 -35.77 -37.83
N ALA C 312 5.17 -36.07 -38.48
CA ALA C 312 5.24 -36.53 -39.87
C ALA C 312 4.21 -37.61 -40.18
N GLY D 1 -28.57 -39.60 15.01
CA GLY D 1 -27.31 -38.80 15.01
C GLY D 1 -27.35 -37.62 14.06
N SER D 2 -28.42 -36.81 14.18
CA SER D 2 -28.70 -35.58 13.37
C SER D 2 -28.16 -34.31 14.02
N ALA D 3 -27.10 -34.52 14.76
CA ALA D 3 -26.17 -33.52 15.21
C ALA D 3 -25.60 -32.66 14.06
N LEU D 4 -25.14 -31.45 14.39
CA LEU D 4 -24.58 -30.52 13.40
C LEU D 4 -23.16 -30.94 13.07
N PRO D 5 -22.88 -31.31 11.81
CA PRO D 5 -21.55 -31.75 11.43
C PRO D 5 -20.59 -30.54 11.37
N ILE D 6 -19.47 -30.62 12.08
CA ILE D 6 -18.56 -29.50 12.09
C ILE D 6 -17.12 -29.90 11.86
N LEU D 7 -16.41 -29.01 11.19
CA LEU D 7 -14.95 -29.16 10.99
C LEU D 7 -14.27 -28.15 11.89
N LEU D 8 -13.36 -28.60 12.73
CA LEU D 8 -12.69 -27.66 13.66
C LEU D 8 -11.23 -27.50 13.21
N ASP D 9 -10.83 -26.26 12.98
CA ASP D 9 -9.50 -25.91 12.53
C ASP D 9 -8.98 -24.96 13.58
N CYS D 10 -7.86 -25.29 14.21
CA CYS D 10 -7.48 -24.52 15.38
C CYS D 10 -5.97 -24.59 15.69
N ASP D 11 -5.52 -23.76 16.60
CA ASP D 11 -4.06 -23.70 16.86
C ASP D 11 -3.74 -23.74 18.35
N PRO D 12 -4.08 -24.87 19.04
CA PRO D 12 -4.03 -24.92 20.49
C PRO D 12 -2.64 -24.69 21.04
N GLY D 13 -2.44 -23.79 22.02
CA GLY D 13 -3.43 -22.77 22.46
C GLY D 13 -4.44 -23.21 23.54
N HIS D 14 -4.36 -22.60 24.74
CA HIS D 14 -5.27 -22.97 25.83
CA HIS D 14 -5.26 -22.95 25.86
C HIS D 14 -6.75 -22.75 25.50
N ASP D 15 -7.09 -21.66 24.86
CA ASP D 15 -8.51 -21.47 24.58
C ASP D 15 -9.05 -22.40 23.47
N ASP D 16 -8.25 -22.67 22.44
CA ASP D 16 -8.63 -23.67 21.44
C ASP D 16 -8.87 -24.99 22.15
N ALA D 17 -7.97 -25.32 23.07
CA ALA D 17 -8.08 -26.58 23.82
C ALA D 17 -9.43 -26.68 24.55
N ILE D 18 -9.83 -25.58 25.18
CA ILE D 18 -11.05 -25.53 25.97
C ILE D 18 -12.22 -25.56 24.97
N ALA D 19 -12.05 -24.97 23.78
CA ALA D 19 -13.10 -25.08 22.73
C ALA D 19 -13.31 -26.52 22.31
N ILE D 20 -12.23 -27.26 22.24
CA ILE D 20 -12.33 -28.67 21.86
C ILE D 20 -13.12 -29.41 22.95
N VAL D 21 -12.74 -29.17 24.21
CA VAL D 21 -13.46 -29.79 25.34
C VAL D 21 -14.99 -29.49 25.27
N LEU D 22 -15.33 -28.23 25.02
CA LEU D 22 -16.74 -27.83 24.96
C LEU D 22 -17.45 -28.53 23.84
N ALA D 23 -16.83 -28.57 22.66
CA ALA D 23 -17.44 -29.22 21.49
C ALA D 23 -17.68 -30.70 21.71
N LEU D 24 -16.70 -31.42 22.29
CA LEU D 24 -16.85 -32.88 22.48
C LEU D 24 -17.78 -33.29 23.63
N ALA D 25 -18.15 -32.31 24.45
CA ALA D 25 -19.14 -32.52 25.50
C ALA D 25 -20.54 -32.13 25.03
N SER D 26 -20.70 -31.86 23.73
CA SER D 26 -21.97 -31.38 23.16
C SER D 26 -22.49 -32.30 22.08
N PRO D 27 -23.49 -33.16 22.42
CA PRO D 27 -23.94 -34.13 21.44
C PRO D 27 -24.78 -33.50 20.31
N GLU D 28 -25.16 -32.22 20.47
CA GLU D 28 -25.69 -31.37 19.39
C GLU D 28 -24.68 -31.19 18.28
N LEU D 29 -23.40 -31.43 18.56
CA LEU D 29 -22.33 -31.25 17.56
C LEU D 29 -21.65 -32.57 17.21
N ASP D 30 -21.48 -32.81 15.92
CA ASP D 30 -20.73 -33.96 15.47
C ASP D 30 -19.45 -33.40 14.87
N VAL D 31 -18.34 -33.51 15.61
CA VAL D 31 -17.06 -33.03 15.15
C VAL D 31 -16.49 -34.06 14.16
N LYS D 32 -16.42 -33.66 12.90
CA LYS D 32 -16.03 -34.55 11.81
C LYS D 32 -14.53 -34.74 11.74
N ALA D 33 -13.80 -33.66 12.02
CA ALA D 33 -12.36 -33.71 12.03
C ALA D 33 -11.85 -32.52 12.78
N ILE D 34 -10.62 -32.62 13.32
CA ILE D 34 -9.89 -31.42 13.82
C ILE D 34 -8.57 -31.28 13.03
N THR D 35 -8.29 -30.10 12.53
CA THR D 35 -7.04 -29.85 11.78
C THR D 35 -6.31 -28.71 12.46
N SER D 36 -5.01 -28.64 12.24
CA SER D 36 -4.23 -27.69 13.00
C SER D 36 -3.74 -26.57 12.11
N SER D 37 -3.99 -25.33 12.56
CA SER D 37 -3.30 -24.17 11.98
C SER D 37 -2.10 -23.73 12.85
N ALA D 38 -1.25 -22.87 12.29
CA ALA D 38 -0.04 -22.40 12.97
C ALA D 38 -0.25 -20.90 13.17
N GLY D 39 0.08 -20.44 14.38
CA GLY D 39 -0.14 -19.08 14.80
C GLY D 39 0.30 -19.01 16.25
N ASN D 40 -0.56 -19.53 17.16
CA ASN D 40 -0.27 -19.58 18.62
C ASN D 40 1.07 -20.27 18.85
N GLN D 41 1.33 -21.31 18.04
CA GLN D 41 2.63 -22.01 18.00
C GLN D 41 3.10 -22.44 16.59
N THR D 42 4.25 -23.12 16.51
CA THR D 42 4.69 -23.79 15.26
C THR D 42 3.71 -24.91 14.88
N PRO D 43 3.66 -25.28 13.59
CA PRO D 43 2.68 -26.29 13.20
C PRO D 43 2.92 -27.67 13.85
N GLU D 44 4.17 -28.00 14.11
CA GLU D 44 4.44 -29.23 14.86
C GLU D 44 3.73 -29.23 16.22
N LYS D 45 3.74 -28.07 16.88
CA LYS D 45 3.20 -27.99 18.21
C LYS D 45 1.68 -27.94 18.23
N THR D 46 1.06 -27.17 17.34
CA THR D 46 -0.37 -27.15 17.30
C THR D 46 -0.93 -28.54 16.93
N LEU D 47 -0.35 -29.24 15.94
CA LEU D 47 -0.75 -30.62 15.62
C LEU D 47 -0.69 -31.53 16.85
N ARG D 48 0.45 -31.48 17.53
CA ARG D 48 0.70 -32.27 18.73
C ARG D 48 -0.36 -32.00 19.75
N ASN D 49 -0.71 -30.72 19.92
CA ASN D 49 -1.67 -30.33 20.98
C ASN D 49 -3.11 -30.81 20.70
N VAL D 50 -3.49 -30.86 19.43
CA VAL D 50 -4.76 -31.47 19.00
C VAL D 50 -4.73 -32.97 19.36
N LEU D 51 -3.63 -33.62 19.06
CA LEU D 51 -3.52 -35.03 19.35
C LEU D 51 -3.53 -35.31 20.86
N ARG D 52 -2.87 -34.48 21.67
CA ARG D 52 -2.91 -34.66 23.12
C ARG D 52 -4.30 -34.43 23.69
N MET D 53 -5.02 -33.43 23.17
CA MET D 53 -6.35 -33.13 23.70
C MET D 53 -7.33 -34.27 23.39
N LEU D 54 -7.28 -34.77 22.14
CA LEU D 54 -8.14 -35.91 21.76
C LEU D 54 -7.76 -37.19 22.55
N THR D 55 -6.47 -37.37 22.83
CA THR D 55 -6.05 -38.46 23.68
C THR D 55 -6.65 -38.28 25.07
N LEU D 56 -6.53 -37.07 25.63
CA LEU D 56 -7.08 -36.79 26.97
C LEU D 56 -8.57 -37.11 26.97
N LEU D 57 -9.26 -36.69 25.92
CA LEU D 57 -10.70 -36.71 25.94
C LEU D 57 -11.31 -38.01 25.43
N ASN D 58 -10.46 -39.02 25.22
CA ASN D 58 -10.89 -40.31 24.71
C ASN D 58 -11.74 -40.17 23.44
N ARG D 59 -11.31 -39.28 22.54
CA ARG D 59 -11.85 -39.26 21.16
C ARG D 59 -10.77 -39.40 20.11
N THR D 60 -10.00 -40.48 20.18
CA THR D 60 -9.01 -40.82 19.13
C THR D 60 -9.66 -41.27 17.83
N ASP D 61 -10.98 -41.43 17.84
CA ASP D 61 -11.76 -41.72 16.64
C ASP D 61 -11.98 -40.54 15.69
N ILE D 62 -11.78 -39.30 16.15
CA ILE D 62 -11.93 -38.13 15.29
C ILE D 62 -10.61 -37.97 14.52
N PRO D 63 -10.69 -37.96 13.16
CA PRO D 63 -9.54 -37.77 12.31
C PRO D 63 -8.85 -36.42 12.48
N VAL D 64 -7.52 -36.45 12.52
CA VAL D 64 -6.73 -35.22 12.70
C VAL D 64 -5.74 -35.12 11.55
N ALA D 65 -5.47 -33.91 11.06
CA ALA D 65 -4.42 -33.70 10.05
C ALA D 65 -3.79 -32.34 10.33
N GLY D 66 -2.47 -32.25 10.05
CA GLY D 66 -1.73 -30.99 10.16
C GLY D 66 -1.93 -30.13 8.90
N GLY D 67 -2.10 -28.83 9.11
CA GLY D 67 -2.20 -27.91 7.99
C GLY D 67 -0.98 -27.08 7.66
N ALA D 68 -1.24 -25.96 6.99
CA ALA D 68 -0.21 -25.12 6.40
C ALA D 68 0.85 -24.79 7.43
N VAL D 69 2.10 -24.77 7.00
CA VAL D 69 3.21 -24.44 7.90
C VAL D 69 3.48 -22.94 8.10
N LYS D 70 2.76 -22.07 7.37
CA LYS D 70 3.00 -20.62 7.43
C LYS D 70 1.86 -19.89 6.75
N PRO D 71 1.71 -18.59 7.05
CA PRO D 71 0.68 -17.81 6.36
C PRO D 71 0.86 -17.84 4.85
N LEU D 72 -0.22 -17.56 4.10
CA LEU D 72 -0.18 -17.65 2.64
C LEU D 72 1.02 -16.90 2.00
N MET D 73 1.28 -15.67 2.47
CA MET D 73 2.25 -14.73 1.87
C MET D 73 3.17 -14.06 2.85
N ARG D 74 3.22 -14.55 4.07
CA ARG D 74 3.96 -13.87 5.13
C ARG D 74 4.62 -14.93 5.94
N GLU D 75 5.57 -14.49 6.76
CA GLU D 75 6.26 -15.38 7.67
C GLU D 75 5.40 -15.61 8.87
N LEU D 76 5.58 -16.78 9.44
CA LEU D 76 4.95 -17.13 10.71
C LEU D 76 5.47 -16.26 11.87
N ILE D 77 4.56 -15.88 12.75
CA ILE D 77 4.87 -15.36 14.10
C ILE D 77 3.77 -15.85 15.07
N SER D 86 4.94 -25.49 25.23
CA SER D 86 4.27 -26.47 24.38
C SER D 86 3.03 -25.89 23.66
N GLY D 87 2.56 -24.74 24.13
CA GLY D 87 1.34 -24.11 23.60
C GLY D 87 0.12 -24.37 24.48
N LEU D 88 0.29 -25.31 25.43
CA LEU D 88 -0.75 -25.73 26.39
C LEU D 88 -0.11 -25.99 27.76
N ASP D 89 0.72 -25.04 28.19
CA ASP D 89 1.47 -25.19 29.44
C ASP D 89 0.51 -25.11 30.63
N GLY D 90 0.95 -25.68 31.76
CA GLY D 90 0.19 -25.68 33.01
C GLY D 90 -0.07 -27.09 33.51
N PRO D 91 -1.19 -27.68 33.08
CA PRO D 91 -1.56 -29.03 33.49
C PRO D 91 -0.69 -30.07 32.81
N ALA D 92 -0.54 -31.24 33.44
CA ALA D 92 0.05 -32.40 32.79
C ALA D 92 -0.97 -32.95 31.80
N LEU D 93 -0.61 -32.99 30.52
CA LEU D 93 -1.46 -33.60 29.49
C LEU D 93 -0.86 -34.95 29.05
N PRO D 94 -1.71 -35.88 28.56
CA PRO D 94 -1.19 -37.17 28.06
C PRO D 94 -0.42 -37.03 26.76
N GLU D 95 0.55 -37.93 26.56
CA GLU D 95 1.25 -38.05 25.28
C GLU D 95 0.28 -38.63 24.29
N PRO D 96 0.38 -38.23 23.00
CA PRO D 96 -0.54 -38.82 22.01
C PRO D 96 -0.44 -40.34 21.91
N THR D 97 -1.59 -41.00 21.89
CA THR D 97 -1.68 -42.46 21.71
C THR D 97 -2.14 -42.82 20.31
N PHE D 98 -2.38 -41.82 19.45
CA PHE D 98 -2.79 -42.05 18.06
C PHE D 98 -2.12 -41.07 17.11
N ALA D 99 -2.19 -41.38 15.81
CA ALA D 99 -1.47 -40.68 14.74
C ALA D 99 -2.44 -39.83 13.93
N PRO D 100 -1.96 -38.67 13.40
CA PRO D 100 -2.80 -37.89 12.49
C PRO D 100 -2.97 -38.72 11.20
N GLN D 101 -4.00 -38.40 10.43
CA GLN D 101 -4.19 -39.01 9.13
C GLN D 101 -3.01 -38.66 8.25
N ASN D 102 -2.76 -39.49 7.25
CA ASN D 102 -1.67 -39.28 6.32
C ASN D 102 -2.14 -38.36 5.18
N CYS D 103 -2.52 -37.15 5.54
CA CYS D 103 -2.84 -36.12 4.55
C CYS D 103 -2.68 -34.78 5.19
N THR D 104 -2.96 -33.72 4.43
CA THR D 104 -2.96 -32.33 4.92
C THR D 104 -4.36 -31.91 5.46
N ALA D 105 -4.41 -30.79 6.17
CA ALA D 105 -5.65 -30.26 6.70
C ALA D 105 -6.63 -30.01 5.55
N VAL D 106 -6.16 -29.35 4.50
CA VAL D 106 -7.01 -29.06 3.33
C VAL D 106 -7.64 -30.34 2.75
N GLU D 107 -6.82 -31.38 2.63
CA GLU D 107 -7.23 -32.66 2.10
C GLU D 107 -8.27 -33.34 2.99
N LEU D 108 -8.07 -33.33 4.31
CA LEU D 108 -9.07 -33.87 5.25
C LEU D 108 -10.37 -33.09 5.24
N MET D 109 -10.27 -31.76 5.25
CA MET D 109 -11.44 -30.90 5.11
C MET D 109 -12.23 -31.22 3.84
N ALA D 110 -11.56 -31.26 2.69
CA ALA D 110 -12.20 -31.50 1.40
C ALA D 110 -12.85 -32.86 1.38
N LYS D 111 -12.11 -33.85 1.86
CA LYS D 111 -12.62 -35.22 2.00
C LYS D 111 -13.96 -35.25 2.75
N THR D 112 -13.97 -34.62 3.93
CA THR D 112 -15.15 -34.51 4.79
C THR D 112 -16.35 -33.86 4.07
N LEU D 113 -16.08 -32.77 3.34
CA LEU D 113 -17.11 -32.08 2.58
C LEU D 113 -17.70 -32.94 1.45
N ARG D 114 -16.81 -33.53 0.65
CA ARG D 114 -17.18 -34.43 -0.44
C ARG D 114 -18.09 -35.58 0.01
N GLU D 115 -17.78 -36.16 1.16
CA GLU D 115 -18.52 -37.32 1.59
C GLU D 115 -19.67 -36.98 2.52
N SER D 116 -19.81 -35.72 2.92
CA SER D 116 -20.95 -35.36 3.77
C SER D 116 -22.21 -35.27 2.92
N ALA D 117 -23.34 -35.71 3.48
CA ALA D 117 -24.59 -35.63 2.74
C ALA D 117 -25.24 -34.25 2.90
N GLU D 118 -24.90 -33.54 3.99
CA GLU D 118 -25.43 -32.20 4.19
C GLU D 118 -24.29 -31.17 4.41
N PRO D 119 -24.58 -29.86 4.28
CA PRO D 119 -23.48 -28.89 4.47
C PRO D 119 -22.84 -28.98 5.86
N VAL D 120 -21.54 -28.73 5.91
CA VAL D 120 -20.74 -28.80 7.13
C VAL D 120 -20.40 -27.40 7.65
N THR D 121 -20.44 -27.19 8.96
CA THR D 121 -20.02 -25.94 9.55
C THR D 121 -18.50 -25.94 9.85
N ILE D 122 -17.78 -24.95 9.31
CA ILE D 122 -16.36 -24.79 9.67
C ILE D 122 -16.18 -23.81 10.83
N VAL D 123 -15.44 -24.22 11.85
CA VAL D 123 -15.11 -23.36 12.96
C VAL D 123 -13.61 -23.22 12.93
N SER D 124 -13.12 -22.01 12.69
CA SER D 124 -11.67 -21.83 12.63
C SER D 124 -11.23 -20.77 13.67
N THR D 125 -10.40 -21.23 14.61
CA THR D 125 -10.07 -20.44 15.75
C THR D 125 -8.59 -20.12 15.84
N GLY D 126 -7.84 -20.40 14.76
CA GLY D 126 -6.48 -19.90 14.57
C GLY D 126 -6.50 -18.94 13.38
N PRO D 127 -5.31 -18.64 12.79
CA PRO D 127 -5.32 -17.91 11.50
C PRO D 127 -6.12 -18.69 10.46
N GLN D 128 -6.56 -17.99 9.41
CA GLN D 128 -7.54 -18.56 8.47
C GLN D 128 -6.84 -19.30 7.30
N THR D 129 -5.54 -19.55 7.45
CA THR D 129 -4.68 -20.12 6.38
C THR D 129 -5.25 -21.37 5.70
N ASN D 130 -5.69 -22.34 6.50
CA ASN D 130 -6.17 -23.63 5.91
C ASN D 130 -7.55 -23.41 5.25
N VAL D 131 -8.34 -22.57 5.87
CA VAL D 131 -9.68 -22.34 5.37
C VAL D 131 -9.66 -21.66 4.01
N ALA D 132 -8.76 -20.67 3.90
CA ALA D 132 -8.59 -19.91 2.68
C ALA D 132 -8.05 -20.87 1.61
N LEU D 133 -7.09 -21.73 1.95
CA LEU D 133 -6.62 -22.74 0.98
C LEU D 133 -7.74 -23.66 0.47
N LEU D 134 -8.58 -24.18 1.36
CA LEU D 134 -9.70 -25.01 0.96
C LEU D 134 -10.64 -24.26 0.04
N LEU D 135 -10.96 -23.03 0.46
CA LEU D 135 -11.86 -22.19 -0.35
C LEU D 135 -11.35 -21.99 -1.77
N ASN D 136 -10.09 -21.59 -1.88
CA ASN D 136 -9.54 -21.27 -3.20
C ASN D 136 -9.28 -22.50 -4.04
N SER D 137 -8.95 -23.60 -3.39
CA SER D 137 -8.62 -24.79 -4.18
C SER D 137 -9.80 -25.74 -4.43
N HIS D 138 -10.92 -25.55 -3.73
CA HIS D 138 -12.12 -26.38 -3.91
C HIS D 138 -13.38 -25.54 -4.08
N PRO D 139 -13.46 -24.76 -5.16
CA PRO D 139 -14.66 -23.99 -5.35
C PRO D 139 -15.89 -24.88 -5.58
N GLU D 140 -15.68 -26.13 -5.98
CA GLU D 140 -16.82 -27.03 -6.24
C GLU D 140 -17.40 -27.54 -4.92
N LEU D 141 -16.75 -27.24 -3.81
CA LEU D 141 -17.26 -27.69 -2.50
C LEU D 141 -17.87 -26.58 -1.68
N HIS D 142 -17.97 -25.37 -2.23
CA HIS D 142 -18.51 -24.25 -1.45
C HIS D 142 -19.94 -24.55 -1.00
N SER D 143 -20.61 -25.40 -1.78
CA SER D 143 -22.01 -25.68 -1.56
C SER D 143 -22.21 -26.64 -0.39
N LYS D 144 -21.11 -27.29 0.00
CA LYS D 144 -21.07 -28.18 1.14
C LYS D 144 -20.61 -27.50 2.43
N ILE D 145 -20.40 -26.17 2.39
CA ILE D 145 -20.05 -25.40 3.59
C ILE D 145 -21.25 -24.54 3.99
N ALA D 146 -21.85 -24.84 5.14
CA ALA D 146 -23.01 -24.09 5.62
C ALA D 146 -22.63 -22.63 5.99
N ARG D 147 -21.56 -22.47 6.77
CA ARG D 147 -21.05 -21.19 7.23
C ARG D 147 -19.66 -21.42 7.85
N ILE D 148 -18.91 -20.35 8.03
CA ILE D 148 -17.58 -20.42 8.67
C ILE D 148 -17.65 -19.55 9.90
N VAL D 149 -17.41 -20.15 11.05
CA VAL D 149 -17.46 -19.44 12.32
C VAL D 149 -16.04 -19.25 12.78
N ILE D 150 -15.61 -18.00 12.95
CA ILE D 150 -14.19 -17.71 13.30
C ILE D 150 -14.06 -17.08 14.70
N MET D 151 -12.95 -17.33 15.37
CA MET D 151 -12.47 -16.42 16.39
C MET D 151 -11.38 -15.57 15.71
N GLY D 152 -11.65 -14.27 15.59
CA GLY D 152 -10.63 -13.35 15.14
C GLY D 152 -11.23 -11.99 14.90
N GLY D 153 -10.38 -10.96 14.86
CA GLY D 153 -10.82 -9.60 14.45
C GLY D 153 -11.19 -8.77 15.65
N ALA D 154 -11.43 -7.49 15.42
CA ALA D 154 -11.91 -6.58 16.43
C ALA D 154 -12.53 -5.43 15.67
N MET D 155 -13.78 -5.13 16.00
CA MET D 155 -14.38 -3.92 15.49
C MET D 155 -13.69 -2.70 16.12
N GLY D 156 -13.40 -2.78 17.43
CA GLY D 156 -12.58 -1.76 18.11
C GLY D 156 -11.11 -2.08 18.05
N LEU D 157 -10.39 -1.69 19.10
CA LEU D 157 -8.93 -1.77 19.19
C LEU D 157 -8.43 -3.20 19.12
N GLY D 158 -7.26 -3.42 18.50
CA GLY D 158 -6.71 -4.79 18.35
C GLY D 158 -5.90 -5.15 19.57
N ASN D 159 -5.56 -6.44 19.68
CA ASN D 159 -4.71 -6.93 20.77
C ASN D 159 -3.29 -7.30 20.31
N TRP D 160 -2.98 -7.09 19.05
CA TRP D 160 -1.63 -7.42 18.58
C TRP D 160 -0.90 -6.17 18.09
N THR D 161 -1.56 -5.40 17.22
CA THR D 161 -1.13 -4.08 16.82
C THR D 161 -2.31 -3.17 17.19
N PRO D 162 -2.12 -1.81 17.19
CA PRO D 162 -3.27 -0.97 17.57
C PRO D 162 -4.57 -1.31 16.84
N ALA D 163 -4.52 -1.73 15.58
CA ALA D 163 -5.75 -1.89 14.80
C ALA D 163 -6.15 -3.32 14.60
N ALA D 164 -5.26 -4.26 14.93
CA ALA D 164 -5.44 -5.66 14.52
C ALA D 164 -5.41 -6.65 15.65
N GLU D 165 -6.31 -7.60 15.57
CA GLU D 165 -6.27 -8.79 16.41
C GLU D 165 -5.26 -9.85 15.86
N PHE D 166 -4.66 -10.63 16.75
CA PHE D 166 -3.61 -11.57 16.35
C PHE D 166 -3.92 -12.51 15.21
N ASN D 167 -4.96 -13.34 15.32
CA ASN D 167 -5.29 -14.33 14.31
C ASN D 167 -5.37 -13.78 12.89
N ILE D 168 -5.94 -12.58 12.81
CA ILE D 168 -6.12 -11.97 11.49
C ILE D 168 -4.80 -11.38 11.09
N TYR D 169 -4.16 -10.69 12.02
CA TYR D 169 -2.86 -10.11 11.68
C TYR D 169 -1.85 -11.14 11.13
N VAL D 170 -1.88 -12.36 11.64
CA VAL D 170 -0.89 -13.42 11.24
C VAL D 170 -1.10 -13.76 9.77
N ASP D 171 -2.33 -13.67 9.29
CA ASP D 171 -2.60 -14.01 7.89
C ASP D 171 -3.76 -13.21 7.41
N PRO D 172 -3.48 -11.95 7.05
CA PRO D 172 -4.58 -11.05 6.67
C PRO D 172 -5.21 -11.52 5.38
N GLU D 173 -4.38 -12.05 4.45
CA GLU D 173 -4.79 -12.37 3.09
C GLU D 173 -5.75 -13.54 3.19
N ALA D 174 -5.42 -14.52 4.01
CA ALA D 174 -6.29 -15.71 4.22
C ALA D 174 -7.63 -15.30 4.80
N ALA D 175 -7.59 -14.38 5.77
CA ALA D 175 -8.86 -13.88 6.35
C ALA D 175 -9.68 -13.12 5.34
N GLU D 176 -9.04 -12.32 4.47
CA GLU D 176 -9.79 -11.54 3.46
C GLU D 176 -10.43 -12.51 2.46
N ILE D 177 -9.70 -13.58 2.15
CA ILE D 177 -10.24 -14.64 1.29
C ILE D 177 -11.50 -15.26 1.94
N VAL D 178 -11.42 -15.63 3.20
CA VAL D 178 -12.65 -16.08 3.88
C VAL D 178 -13.82 -15.10 3.76
N PHE D 179 -13.58 -13.85 4.12
CA PHE D 179 -14.68 -12.86 4.18
C PHE D 179 -15.24 -12.47 2.80
N GLN D 180 -14.42 -12.57 1.76
CA GLN D 180 -14.86 -12.27 0.39
C GLN D 180 -15.40 -13.51 -0.33
N SER D 181 -15.48 -14.64 0.35
CA SER D 181 -15.72 -15.91 -0.33
C SER D 181 -17.16 -16.12 -0.81
N GLY D 182 -18.12 -15.38 -0.23
CA GLY D 182 -19.55 -15.64 -0.51
C GLY D 182 -20.20 -16.64 0.45
N ILE D 183 -19.40 -17.25 1.31
CA ILE D 183 -19.93 -18.16 2.31
C ILE D 183 -20.20 -17.38 3.60
N PRO D 184 -21.40 -17.56 4.22
CA PRO D 184 -21.74 -16.77 5.42
C PRO D 184 -20.64 -16.92 6.49
N VAL D 185 -20.22 -15.80 7.09
CA VAL D 185 -19.15 -15.82 8.08
C VAL D 185 -19.74 -15.34 9.39
N VAL D 186 -19.34 -15.97 10.49
CA VAL D 186 -19.77 -15.56 11.81
C VAL D 186 -18.51 -15.25 12.58
N MET D 187 -18.41 -14.05 13.17
CA MET D 187 -17.12 -13.57 13.67
C MET D 187 -17.20 -13.31 15.14
N ALA D 188 -16.40 -14.04 15.91
CA ALA D 188 -16.26 -13.81 17.32
C ALA D 188 -14.96 -13.03 17.50
N GLY D 189 -15.05 -11.71 17.44
CA GLY D 189 -13.85 -10.88 17.60
C GLY D 189 -13.70 -10.40 19.03
N LEU D 190 -12.73 -9.52 19.26
CA LEU D 190 -12.42 -9.06 20.61
C LEU D 190 -13.59 -8.33 21.26
N ASP D 191 -14.46 -7.73 20.45
CA ASP D 191 -15.64 -7.03 20.95
C ASP D 191 -16.47 -7.95 21.84
N VAL D 192 -16.67 -9.20 21.42
CA VAL D 192 -17.37 -10.16 22.30
C VAL D 192 -16.41 -10.92 23.22
N THR D 193 -15.31 -11.41 22.69
CA THR D 193 -14.42 -12.29 23.53
C THR D 193 -13.84 -11.58 24.76
N HIS D 194 -13.55 -10.28 24.65
CA HIS D 194 -13.12 -9.53 25.82
C HIS D 194 -14.20 -9.37 26.92
N LYS D 195 -15.48 -9.55 26.54
CA LYS D 195 -16.57 -9.56 27.49
C LYS D 195 -16.71 -10.94 28.12
N ALA D 196 -16.23 -11.98 27.42
CA ALA D 196 -16.40 -13.36 27.85
C ALA D 196 -15.30 -13.76 28.84
N GLN D 197 -15.23 -13.02 29.95
CA GLN D 197 -14.17 -13.21 30.94
C GLN D 197 -14.50 -14.28 31.97
N ILE D 198 -13.47 -15.04 32.33
CA ILE D 198 -13.57 -16.04 33.35
C ILE D 198 -12.89 -15.42 34.57
N HIS D 199 -13.68 -15.20 35.63
CA HIS D 199 -13.21 -14.58 36.85
C HIS D 199 -12.58 -15.70 37.67
N VAL D 200 -11.81 -15.33 38.69
CA VAL D 200 -11.21 -16.34 39.59
C VAL D 200 -12.24 -17.32 40.18
N GLU D 201 -13.41 -16.79 40.61
CA GLU D 201 -14.52 -17.60 41.14
C GLU D 201 -14.99 -18.64 40.11
N ASP D 202 -15.03 -18.23 38.84
CA ASP D 202 -15.47 -19.12 37.80
C ASP D 202 -14.53 -20.29 37.64
N THR D 203 -13.23 -20.00 37.67
CA THR D 203 -12.18 -21.02 37.57
C THR D 203 -12.26 -22.00 38.76
N GLU D 204 -12.62 -21.48 39.92
CA GLU D 204 -12.87 -22.31 41.10
C GLU D 204 -14.11 -23.21 40.91
N ARG D 205 -15.15 -22.67 40.26
CA ARG D 205 -16.37 -23.42 39.97
C ARG D 205 -16.00 -24.58 39.09
N PHE D 206 -15.27 -24.30 38.00
CA PHE D 206 -14.83 -25.37 37.10
C PHE D 206 -14.03 -26.42 37.85
N ARG D 207 -13.09 -25.99 38.67
CA ARG D 207 -12.23 -26.92 39.41
C ARG D 207 -13.02 -27.82 40.41
N ALA D 208 -14.10 -27.27 40.99
CA ALA D 208 -14.96 -27.98 41.96
C ALA D 208 -15.84 -29.05 41.30
N ILE D 209 -15.90 -29.05 39.97
CA ILE D 209 -16.72 -30.02 39.22
C ILE D 209 -16.25 -31.44 39.41
N GLY D 210 -14.95 -31.61 39.58
CA GLY D 210 -14.40 -32.84 40.15
C GLY D 210 -14.19 -33.99 39.19
N ASN D 211 -13.79 -33.73 37.97
CA ASN D 211 -13.34 -34.77 37.05
C ASN D 211 -12.04 -34.31 36.38
N PRO D 212 -11.28 -35.25 35.79
CA PRO D 212 -9.94 -34.94 35.28
C PRO D 212 -9.96 -33.83 34.23
N VAL D 213 -11.06 -33.68 33.52
CA VAL D 213 -11.12 -32.69 32.47
C VAL D 213 -11.40 -31.30 33.04
N SER D 214 -12.38 -31.19 33.93
CA SER D 214 -12.67 -29.87 34.55
C SER D 214 -11.45 -29.38 35.32
N THR D 215 -10.67 -30.32 35.84
CA THR D 215 -9.40 -30.00 36.52
C THR D 215 -8.37 -29.42 35.55
N ILE D 216 -8.19 -30.09 34.40
CA ILE D 216 -7.34 -29.62 33.33
C ILE D 216 -7.75 -28.22 32.86
N VAL D 217 -9.04 -28.04 32.54
CA VAL D 217 -9.57 -26.72 32.14
C VAL D 217 -9.24 -25.67 33.18
N ALA D 218 -9.40 -25.99 34.45
CA ALA D 218 -9.14 -25.01 35.49
C ALA D 218 -7.65 -24.64 35.56
N GLU D 219 -6.81 -25.65 35.37
CA GLU D 219 -5.35 -25.47 35.41
C GLU D 219 -4.82 -24.72 34.19
N LEU D 220 -5.44 -24.98 33.03
CA LEU D 220 -5.23 -24.18 31.82
C LEU D 220 -5.65 -22.74 32.04
N LEU D 221 -6.79 -22.52 32.67
CA LEU D 221 -7.14 -21.15 33.07
C LEU D 221 -6.16 -20.57 34.08
N ASP D 222 -5.71 -21.41 35.02
CA ASP D 222 -4.68 -21.03 36.00
C ASP D 222 -3.43 -20.46 35.34
N PHE D 223 -2.78 -21.29 34.53
CA PHE D 223 -1.53 -20.93 33.87
C PHE D 223 -1.69 -19.63 33.12
N PHE D 224 -2.65 -19.59 32.19
CA PHE D 224 -2.90 -18.37 31.48
C PHE D 224 -2.87 -17.17 32.43
N LEU D 225 -3.93 -17.00 33.21
CA LEU D 225 -4.07 -15.85 34.12
C LEU D 225 -2.80 -15.51 34.92
N GLU D 226 -2.10 -16.53 35.43
CA GLU D 226 -0.86 -16.29 36.21
C GLU D 226 0.25 -15.62 35.37
N TYR D 227 0.40 -16.05 34.12
CA TYR D 227 1.49 -15.61 33.24
C TYR D 227 1.11 -14.56 32.17
N HIS D 228 -0.19 -14.27 32.01
CA HIS D 228 -0.66 -13.39 30.93
C HIS D 228 -1.80 -12.46 31.32
N LYS D 229 -1.93 -12.20 32.62
CA LYS D 229 -2.91 -11.24 33.13
C LYS D 229 -2.65 -9.84 32.56
N ASP D 230 -3.52 -9.38 31.65
CA ASP D 230 -3.28 -8.11 30.95
C ASP D 230 -3.53 -6.86 31.79
N GLU D 231 -2.43 -6.23 32.18
CA GLU D 231 -2.47 -5.17 33.17
C GLU D 231 -2.90 -3.85 32.54
N LYS D 232 -2.70 -3.72 31.23
CA LYS D 232 -3.14 -2.51 30.51
C LYS D 232 -4.62 -2.52 30.17
N TRP D 233 -5.17 -3.71 29.90
CA TRP D 233 -6.56 -3.83 29.50
C TRP D 233 -7.59 -3.67 30.61
N GLY D 234 -7.18 -3.86 31.86
CA GLY D 234 -8.08 -3.74 33.00
C GLY D 234 -9.23 -4.75 33.00
N PHE D 235 -8.95 -5.98 32.55
CA PHE D 235 -9.93 -7.06 32.63
C PHE D 235 -10.12 -7.47 34.07
N VAL D 236 -11.36 -7.77 34.44
CA VAL D 236 -11.68 -8.30 35.77
C VAL D 236 -11.17 -9.76 35.92
N GLY D 237 -11.32 -10.56 34.86
CA GLY D 237 -10.74 -11.90 34.78
C GLY D 237 -10.26 -12.10 33.36
N ALA D 238 -9.75 -13.28 33.04
CA ALA D 238 -9.22 -13.57 31.69
C ALA D 238 -10.29 -13.87 30.63
N PRO D 239 -10.24 -13.15 29.48
CA PRO D 239 -11.08 -13.48 28.31
C PRO D 239 -10.84 -14.89 27.79
N LEU D 240 -11.91 -15.56 27.38
CA LEU D 240 -11.82 -16.91 26.89
C LEU D 240 -12.37 -16.79 25.48
N HIS D 241 -11.45 -16.77 24.52
CA HIS D 241 -11.78 -16.35 23.19
C HIS D 241 -12.40 -17.48 22.38
N ASP D 242 -11.65 -18.55 22.19
CA ASP D 242 -12.06 -19.56 21.22
C ASP D 242 -13.40 -20.25 21.54
N PRO D 243 -13.62 -20.63 22.81
CA PRO D 243 -14.91 -21.27 23.12
C PRO D 243 -16.17 -20.47 22.74
N CYS D 244 -16.07 -19.15 22.45
CA CYS D 244 -17.22 -18.35 22.02
C CYS D 244 -17.84 -18.81 20.68
N THR D 245 -16.99 -19.34 19.81
CA THR D 245 -17.44 -19.91 18.54
C THR D 245 -18.38 -21.09 18.76
N ILE D 246 -17.97 -22.02 19.60
CA ILE D 246 -18.75 -23.23 19.92
C ILE D 246 -19.99 -22.87 20.70
N ALA D 247 -19.84 -21.95 21.68
CA ALA D 247 -20.95 -21.52 22.49
C ALA D 247 -22.04 -20.90 21.65
N TRP D 248 -21.66 -20.12 20.63
CA TRP D 248 -22.62 -19.46 19.72
C TRP D 248 -23.37 -20.52 18.90
N LEU D 249 -22.69 -21.61 18.51
CA LEU D 249 -23.37 -22.68 17.82
C LEU D 249 -24.33 -23.38 18.80
N LEU D 250 -23.92 -23.52 20.06
CA LEU D 250 -24.75 -24.24 21.06
C LEU D 250 -25.90 -23.42 21.56
N LYS D 251 -25.61 -22.16 21.93
CA LYS D 251 -26.62 -21.25 22.47
C LYS D 251 -26.50 -19.84 21.91
N PRO D 252 -26.92 -19.61 20.64
CA PRO D 252 -26.78 -18.29 20.02
C PRO D 252 -27.51 -17.21 20.81
N GLU D 253 -28.48 -17.60 21.62
CA GLU D 253 -29.27 -16.68 22.40
C GLU D 253 -28.49 -16.03 23.56
N LEU D 254 -27.35 -16.60 23.90
CA LEU D 254 -26.41 -15.94 24.82
C LEU D 254 -25.78 -14.68 24.20
N PHE D 255 -25.70 -14.64 22.87
CA PHE D 255 -25.00 -13.57 22.16
C PHE D 255 -25.91 -12.52 21.51
N THR D 256 -25.34 -11.31 21.33
CA THR D 256 -25.96 -10.27 20.51
C THR D 256 -25.08 -10.13 19.31
N SER D 257 -25.66 -10.07 18.12
CA SER D 257 -24.83 -9.91 16.93
C SER D 257 -25.47 -9.00 15.92
N VAL D 258 -24.65 -8.44 15.04
CA VAL D 258 -25.17 -7.59 13.94
C VAL D 258 -24.69 -8.17 12.63
N GLU D 259 -25.52 -7.99 11.60
CA GLU D 259 -25.17 -8.41 10.23
CA GLU D 259 -25.20 -8.40 10.24
C GLU D 259 -24.62 -7.20 9.49
N ARG D 260 -23.31 -7.23 9.24
CA ARG D 260 -22.59 -6.10 8.64
C ARG D 260 -21.58 -6.56 7.58
N TRP D 261 -21.11 -5.61 6.76
CA TRP D 261 -19.98 -5.84 5.87
C TRP D 261 -18.67 -5.78 6.64
N VAL D 262 -17.79 -6.73 6.38
CA VAL D 262 -16.47 -6.74 6.99
C VAL D 262 -15.39 -6.86 5.91
N GLY D 263 -14.43 -5.94 5.92
CA GLY D 263 -13.26 -6.10 5.08
C GLY D 263 -11.98 -6.28 5.91
N VAL D 264 -11.04 -7.06 5.38
CA VAL D 264 -9.74 -7.21 6.06
C VAL D 264 -8.65 -6.43 5.31
N GLU D 265 -7.95 -5.56 6.02
CA GLU D 265 -6.92 -4.71 5.43
C GLU D 265 -5.68 -5.55 5.23
N THR D 266 -5.17 -5.53 3.98
CA THR D 266 -3.97 -6.31 3.65
C THR D 266 -2.84 -5.41 3.15
N GLN D 267 -3.14 -4.11 2.95
CA GLN D 267 -2.13 -3.19 2.41
C GLN D 267 -1.66 -2.01 3.26
N GLY D 268 -2.34 -1.72 4.35
CA GLY D 268 -2.08 -0.48 5.04
C GLY D 268 -0.70 -0.36 5.63
N LYS D 269 -0.16 0.84 5.69
CA LYS D 269 1.08 1.05 6.42
C LYS D 269 0.92 0.75 7.97
N TYR D 270 -0.21 1.14 8.54
CA TYR D 270 -0.43 1.04 9.99
C TYR D 270 -1.51 0.06 10.38
N THR D 271 -2.21 -0.49 9.39
CA THR D 271 -3.47 -1.18 9.60
C THR D 271 -3.55 -2.63 9.06
N GLN D 272 -2.43 -3.25 8.69
CA GLN D 272 -2.50 -4.63 8.18
C GLN D 272 -3.16 -5.52 9.19
N GLY D 273 -4.16 -6.27 8.75
CA GLY D 273 -4.86 -7.21 9.62
C GLY D 273 -6.12 -6.67 10.30
N MET D 274 -6.40 -5.39 10.09
CA MET D 274 -7.56 -4.80 10.68
C MET D 274 -8.79 -5.41 10.07
N THR D 275 -9.78 -5.73 10.91
CA THR D 275 -11.11 -6.03 10.40
C THR D 275 -11.96 -4.73 10.38
N VAL D 276 -12.22 -4.25 9.17
CA VAL D 276 -12.96 -3.01 9.01
C VAL D 276 -14.41 -3.43 8.98
N VAL D 277 -15.18 -3.01 9.98
CA VAL D 277 -16.57 -3.38 10.08
C VAL D 277 -17.41 -2.15 9.78
N ASP D 278 -18.33 -2.28 8.81
CA ASP D 278 -19.15 -1.15 8.41
C ASP D 278 -20.41 -1.13 9.25
N TYR D 279 -20.20 -0.76 10.51
CA TYR D 279 -21.25 -0.77 11.52
C TYR D 279 -22.39 0.20 11.23
N TYR D 280 -22.05 1.37 10.70
CA TYR D 280 -23.05 2.44 10.45
C TYR D 280 -23.44 2.54 8.98
N TYR D 281 -23.14 1.52 8.18
CA TYR D 281 -23.60 1.41 6.79
C TYR D 281 -23.12 2.58 5.96
N LEU D 282 -21.82 2.84 6.00
CA LEU D 282 -21.27 4.00 5.27
C LEU D 282 -20.78 3.58 3.89
N THR D 283 -20.59 2.29 3.67
CA THR D 283 -20.06 1.81 2.38
C THR D 283 -21.20 1.36 1.49
N GLY D 284 -20.92 1.08 0.22
CA GLY D 284 -21.99 0.44 -0.57
C GLY D 284 -22.27 -1.03 -0.24
N ASN D 285 -21.39 -1.63 0.57
CA ASN D 285 -21.12 -3.04 0.55
C ASN D 285 -22.20 -3.91 1.22
N LYS D 286 -22.53 -4.99 0.51
CA LYS D 286 -23.44 -6.01 1.00
C LYS D 286 -22.85 -6.71 2.24
N PRO D 287 -23.61 -6.76 3.36
CA PRO D 287 -23.11 -7.51 4.51
C PRO D 287 -22.63 -8.92 4.17
N ASN D 288 -21.47 -9.30 4.68
CA ASN D 288 -20.95 -10.66 4.48
C ASN D 288 -20.70 -11.43 5.77
N ALA D 289 -21.12 -10.87 6.92
CA ALA D 289 -20.75 -11.45 8.21
C ALA D 289 -21.74 -11.19 9.30
N THR D 290 -21.76 -12.11 10.27
CA THR D 290 -22.49 -11.94 11.49
C THR D 290 -21.46 -11.63 12.55
N VAL D 291 -21.52 -10.43 13.10
CA VAL D 291 -20.46 -10.00 14.03
C VAL D 291 -21.03 -9.99 15.45
N MET D 292 -20.40 -10.78 16.32
CA MET D 292 -20.85 -10.88 17.68
C MET D 292 -20.35 -9.66 18.37
N VAL D 293 -21.20 -9.03 19.18
CA VAL D 293 -20.86 -7.75 19.83
C VAL D 293 -21.13 -7.75 21.35
N ASP D 294 -21.87 -8.75 21.83
CA ASP D 294 -22.10 -8.91 23.27
C ASP D 294 -22.38 -10.37 23.62
N VAL D 295 -22.14 -10.72 24.88
CA VAL D 295 -22.47 -12.02 25.41
C VAL D 295 -23.04 -11.89 26.85
N ASP D 296 -23.92 -12.83 27.21
CA ASP D 296 -24.34 -12.98 28.59
C ASP D 296 -23.24 -13.77 29.34
N ARG D 297 -22.37 -13.07 30.06
CA ARG D 297 -21.17 -13.70 30.59
C ARG D 297 -21.46 -14.86 31.50
N GLN D 298 -22.36 -14.63 32.46
CA GLN D 298 -22.75 -15.65 33.40
C GLN D 298 -23.30 -16.89 32.66
N GLY D 299 -24.19 -16.67 31.69
CA GLY D 299 -24.72 -17.75 30.88
C GLY D 299 -23.62 -18.54 30.19
N PHE D 300 -22.63 -17.83 29.65
CA PHE D 300 -21.44 -18.44 29.00
C PHE D 300 -20.65 -19.31 30.01
N VAL D 301 -20.42 -18.76 31.20
CA VAL D 301 -19.81 -19.54 32.27
C VAL D 301 -20.69 -20.74 32.66
N ASP D 302 -22.00 -20.54 32.73
CA ASP D 302 -22.92 -21.64 33.08
C ASP D 302 -22.83 -22.75 32.04
N LEU D 303 -22.82 -22.39 30.75
CA LEU D 303 -22.70 -23.38 29.67
C LEU D 303 -21.45 -24.27 29.83
N LEU D 304 -20.31 -23.65 30.07
CA LEU D 304 -19.04 -24.35 30.23
C LEU D 304 -19.10 -25.35 31.39
N ALA D 305 -19.60 -24.94 32.55
CA ALA D 305 -19.67 -25.81 33.74
C ALA D 305 -20.74 -26.93 33.61
N ASP D 306 -21.91 -26.63 33.05
CA ASP D 306 -22.88 -27.66 32.71
C ASP D 306 -22.22 -28.68 31.75
N ARG D 307 -21.52 -28.21 30.72
CA ARG D 307 -20.96 -29.16 29.73
C ARG D 307 -19.75 -29.92 30.27
N LEU D 308 -19.02 -29.33 31.22
CA LEU D 308 -17.92 -30.05 31.86
C LEU D 308 -18.38 -31.29 32.61
N LYS D 309 -19.67 -31.34 33.01
CA LYS D 309 -20.22 -32.51 33.74
C LYS D 309 -20.22 -33.75 32.85
N PHE D 310 -20.20 -33.54 31.53
CA PHE D 310 -20.11 -34.65 30.57
C PHE D 310 -18.96 -35.60 30.92
N TYR D 311 -17.88 -35.08 31.49
CA TYR D 311 -16.66 -35.89 31.68
C TYR D 311 -16.61 -36.52 33.06
N ALA D 312 -17.77 -36.49 33.73
CA ALA D 312 -17.99 -37.07 35.06
C ALA D 312 -17.35 -38.44 35.23
C1 BME E . 14.56 37.91 -2.02
C2 BME E . 14.73 37.04 -1.35
O1 BME E . 15.26 38.10 -3.10
S2 BME E . 13.64 36.21 -0.52
CA CA F . 20.96 16.74 -8.72
O2' DNB G . 22.55 14.79 -9.13
C2' DNB G . 22.33 13.46 -9.65
C3' DNB G . 21.11 13.50 -10.59
O3' DNB G . 20.30 14.69 -10.46
C1' DNB G . 21.96 12.48 -8.52
N4' DNB G . 20.55 12.19 -8.79
C4' DNB G . 20.27 12.26 -10.20
C5' DNB G . 20.72 11.00 -10.99
O5' DNB G . 20.13 9.84 -10.40
C1 DNB G . 22.67 11.15 -8.46
C6 DNB G . 22.33 10.31 -7.39
C5 DNB G . 22.88 9.04 -7.19
C4 DNB G . 23.81 8.58 -8.13
C3 DNB G . 24.18 9.38 -9.22
N3 DNB G . 25.09 8.86 -10.08
C2 DNB G . 23.59 10.66 -9.40
CA CA H . -14.71 22.00 10.17
O2' DNB I . -16.82 20.75 10.17
C2' DNB I . -17.11 19.38 10.59
C3' DNB I . -15.97 18.86 11.47
O3' DNB I . -14.85 19.74 11.37
C1' DNB I . -17.18 18.41 9.39
N4' DNB I . -16.05 17.53 9.59
C4' DNB I . -15.58 17.46 10.97
C5' DNB I . -16.22 16.28 11.76
O5' DNB I . -16.13 15.04 11.01
C1 DNB I . -18.34 17.49 9.35
C6 DNB I . -19.43 17.58 10.21
C5 DNB I . -20.49 16.66 10.13
C4 DNB I . -20.44 15.64 9.18
C3 DNB I . -19.34 15.55 8.31
N3 DNB I . -19.27 14.55 7.40
C2 DNB I . -18.30 16.46 8.39
CA CA J . -0.36 -18.72 -21.59
O2' DNB K . -0.35 -16.92 -23.45
C2' DNB K . 0.20 -15.55 -23.41
C3' DNB K . 1.38 -15.58 -22.49
O3' DNB K . 1.41 -16.84 -21.77
C1' DNB K . -0.75 -14.46 -22.83
N4' DNB K . -0.11 -14.00 -21.62
C4' DNB K . 1.28 -14.36 -21.55
C5' DNB K . 2.29 -13.27 -22.00
O5' DNB K . 1.79 -11.92 -22.03
C1 DNB K . -0.80 -13.18 -23.59
C6 DNB K . -1.56 -12.14 -23.05
C5 DNB K . -1.62 -10.91 -23.70
C4 DNB K . -0.90 -10.74 -24.88
C3 DNB K . -0.15 -11.75 -25.43
C2 DNB K . -0.09 -12.99 -24.77
CA CA L . -6.56 -20.02 18.76
O2' DNB M . -5.96 -18.60 20.77
C2' DNB M . -6.15 -17.20 21.06
C3' DNB M . -7.34 -16.63 20.31
O3' DNB M . -7.82 -17.49 19.25
C1' DNB M . -4.94 -16.39 20.57
N4' DNB M . -5.46 -15.65 19.44
C4' DNB M . -6.85 -15.35 19.60
C5' DNB M . -7.08 -14.00 20.32
O5' DNB M . -6.15 -13.00 19.81
C1 DNB M . -4.41 -15.26 21.38
C6 DNB M . -5.00 -14.75 22.55
C5 DNB M . -4.41 -13.67 23.19
C4 DNB M . -3.27 -13.09 22.64
C3 DNB M . -2.70 -13.59 21.47
N3 DNB M . -1.59 -13.07 20.91
C2 DNB M . -3.29 -14.67 20.84
#